data_9KOI
#
_entry.id   9KOI
#
_cell.length_a   94.533
_cell.length_b   94.533
_cell.length_c   235.065
_cell.angle_alpha   90.00
_cell.angle_beta   90.00
_cell.angle_gamma   120.00
#
_symmetry.space_group_name_H-M   'P 32 2 1'
#
loop_
_entity.id
_entity.type
_entity.pdbx_description
1 polymer 'NAD+ dependent aldehyde dehydrogenase ExaC'
2 water water
#
_entity_poly.entity_id   1
_entity_poly.type   'polypeptide(L)'
_entity_poly.pdbx_seq_one_letter_code
;SMIYAAPGTPGAVVTFKPRYGNYIGGEFVPPVKGQYFTNTSPVNGQPIAEFPRSTAEDIDKALDAAHAAAEAWGRTSVQE
RSNILLKIADRIEQNLELLAVTETWDNGKAVRETLNADIPLAADHFRYFAGCIRAQEGSAAEINDSTVAYHIHEPLGVVG
QIIPWNFPLLMAAWKLAPALAAGNCVVLKPAEQTPLGICVLLELIGDLLPPGVLNVVQGFGREAGEALATSKRIAKIAFT
GSTPVGSHILKCAAENIIPSTVELGGKSPNIYFEDIMQAEPAFIEKAAEGLVLAFFNQGEVCTCPSRALVQESIYPAFME
EVLKKVRAIKRGDPLDTETMVGAQASQQQYEKILSYLDIAQQEGAELLAGGSVEKLEGNLASGYYIQPTLLKGHNGMRVF
QEEIFGPVVGVTTFKDEAEALAIANDTEYGLGAGLWTRDINRAYRMGRGIKAGRVWTNCYHLYPAHAAFGGYKKSGVGRE
THKMMLDHYQQTKNLLVSYDINPLGFF
;
_entity_poly.pdbx_strand_id   A,B
#
# COMPACT_ATOMS: atom_id res chain seq x y z
N SER A 1 -39.50 22.81 -11.63
CA SER A 1 -39.84 21.98 -10.47
C SER A 1 -40.54 20.70 -10.91
N MET A 2 -40.40 19.66 -10.09
CA MET A 2 -40.99 18.35 -10.36
C MET A 2 -40.93 17.50 -9.10
N ILE A 3 -42.06 16.92 -8.71
CA ILE A 3 -42.17 16.19 -7.44
C ILE A 3 -42.40 14.72 -7.76
N TYR A 4 -41.33 13.92 -7.70
CA TYR A 4 -41.46 12.48 -7.90
C TYR A 4 -42.34 11.91 -6.80
N ALA A 5 -43.32 11.10 -7.19
CA ALA A 5 -44.22 10.48 -6.22
C ALA A 5 -43.49 9.43 -5.39
N ALA A 6 -43.91 9.29 -4.14
CA ALA A 6 -43.30 8.35 -3.24
C ALA A 6 -43.45 6.93 -3.79
N PRO A 7 -42.44 6.07 -3.59
CA PRO A 7 -42.50 4.72 -4.19
C PRO A 7 -43.76 3.96 -3.77
N GLY A 8 -44.33 3.24 -4.73
CA GLY A 8 -45.53 2.46 -4.49
C GLY A 8 -46.81 3.27 -4.41
N THR A 9 -46.78 4.54 -4.83
CA THR A 9 -47.94 5.40 -4.89
C THR A 9 -48.30 5.68 -6.34
N PRO A 10 -49.51 6.17 -6.61
CA PRO A 10 -49.90 6.44 -8.01
C PRO A 10 -48.94 7.40 -8.70
N GLY A 11 -48.39 6.96 -9.83
CA GLY A 11 -47.43 7.74 -10.58
C GLY A 11 -45.99 7.58 -10.16
N ALA A 12 -45.71 6.81 -9.12
CA ALA A 12 -44.33 6.60 -8.70
C ALA A 12 -43.56 5.87 -9.78
N VAL A 13 -42.27 6.22 -9.91
CA VAL A 13 -41.41 5.59 -10.91
C VAL A 13 -40.93 4.21 -10.47
N VAL A 14 -41.09 3.86 -9.20
CA VAL A 14 -40.58 2.59 -8.68
C VAL A 14 -41.49 2.10 -7.56
N THR A 15 -41.63 0.78 -7.48
CA THR A 15 -42.33 0.10 -6.39
C THR A 15 -41.42 -1.01 -5.88
N PHE A 16 -41.00 -0.91 -4.63
CA PHE A 16 -40.02 -1.84 -4.10
C PHE A 16 -40.66 -3.15 -3.65
N LYS A 17 -39.89 -4.23 -3.75
CA LYS A 17 -40.35 -5.53 -3.29
C LYS A 17 -40.46 -5.54 -1.77
N PRO A 18 -41.35 -6.34 -1.21
CA PRO A 18 -41.43 -6.44 0.26
C PRO A 18 -40.23 -7.14 0.89
N ARG A 19 -39.54 -8.00 0.16
CA ARG A 19 -38.41 -8.74 0.74
C ARG A 19 -37.37 -9.01 -0.35
N TYR A 20 -36.11 -8.75 -0.02
CA TYR A 20 -34.99 -8.95 -0.93
C TYR A 20 -33.98 -9.91 -0.33
N GLY A 21 -33.32 -10.69 -1.19
CA GLY A 21 -32.23 -11.56 -0.79
C GLY A 21 -30.87 -10.97 -1.09
N ASN A 22 -29.84 -11.80 -0.87
CA ASN A 22 -28.50 -11.51 -1.34
C ASN A 22 -28.38 -11.86 -2.83
N TYR A 23 -27.31 -11.39 -3.46
CA TYR A 23 -27.00 -11.73 -4.84
C TYR A 23 -25.70 -12.53 -4.86
N ILE A 24 -25.80 -13.82 -5.18
CA ILE A 24 -24.63 -14.71 -5.18
C ILE A 24 -24.68 -15.58 -6.43
N GLY A 25 -23.54 -15.72 -7.09
CA GLY A 25 -23.43 -16.63 -8.23
C GLY A 25 -24.46 -16.39 -9.31
N GLY A 26 -24.77 -15.12 -9.59
CA GLY A 26 -25.72 -14.78 -10.62
C GLY A 26 -27.18 -14.88 -10.24
N GLU A 27 -27.50 -15.13 -8.97
CA GLU A 27 -28.88 -15.26 -8.51
C GLU A 27 -29.09 -14.48 -7.24
N PHE A 28 -30.35 -14.08 -7.02
CA PHE A 28 -30.80 -13.52 -5.75
C PHE A 28 -31.21 -14.66 -4.83
N VAL A 29 -30.55 -14.78 -3.69
CA VAL A 29 -30.80 -15.92 -2.80
C VAL A 29 -31.12 -15.44 -1.39
N PRO A 30 -31.90 -16.20 -0.63
CA PRO A 30 -32.14 -15.86 0.77
C PRO A 30 -30.90 -16.14 1.60
N PRO A 31 -30.81 -15.58 2.80
CA PRO A 31 -29.71 -15.96 3.70
C PRO A 31 -29.88 -17.40 4.15
N VAL A 32 -28.76 -18.01 4.52
CA VAL A 32 -28.78 -19.42 4.92
C VAL A 32 -29.67 -19.60 6.14
N LYS A 33 -29.62 -18.67 7.08
CA LYS A 33 -30.42 -18.75 8.29
C LYS A 33 -31.77 -18.05 8.18
N GLY A 34 -32.11 -17.52 7.00
CA GLY A 34 -33.43 -16.96 6.78
C GLY A 34 -33.78 -15.78 7.65
N GLN A 35 -32.79 -15.08 8.20
CA GLN A 35 -33.03 -14.00 9.14
C GLN A 35 -32.96 -12.66 8.41
N TYR A 36 -33.87 -11.76 8.76
CA TYR A 36 -33.99 -10.49 8.07
C TYR A 36 -34.03 -9.34 9.07
N PHE A 37 -33.53 -8.19 8.62
CA PHE A 37 -33.73 -6.92 9.29
C PHE A 37 -34.61 -6.04 8.41
N THR A 38 -35.35 -5.14 9.04
CA THR A 38 -36.25 -4.24 8.32
C THR A 38 -35.53 -2.96 7.97
N ASN A 39 -35.68 -2.52 6.72
CA ASN A 39 -35.17 -1.24 6.29
C ASN A 39 -36.30 -0.22 6.25
N THR A 40 -35.99 1.01 6.62
CA THR A 40 -36.96 2.09 6.71
C THR A 40 -36.45 3.30 5.95
N SER A 41 -37.40 4.06 5.41
CA SER A 41 -37.04 5.29 4.71
C SER A 41 -36.73 6.39 5.72
N PRO A 42 -35.56 7.03 5.62
CA PRO A 42 -35.28 8.19 6.50
C PRO A 42 -36.07 9.43 6.15
N VAL A 43 -36.68 9.48 4.96
CA VAL A 43 -37.54 10.59 4.58
C VAL A 43 -38.74 10.68 5.50
N ASN A 44 -39.21 9.54 5.98
CA ASN A 44 -40.45 9.50 6.75
C ASN A 44 -40.48 8.43 7.83
N GLY A 45 -39.39 7.70 8.06
CA GLY A 45 -39.38 6.68 9.09
C GLY A 45 -40.21 5.46 8.79
N GLN A 46 -40.84 5.40 7.62
CA GLN A 46 -41.71 4.30 7.25
C GLN A 46 -40.91 3.13 6.67
N PRO A 47 -41.35 1.90 6.92
CA PRO A 47 -40.60 0.74 6.45
C PRO A 47 -40.55 0.66 4.93
N ILE A 48 -39.47 0.06 4.43
CA ILE A 48 -39.29 -0.16 2.99
C ILE A 48 -39.45 -1.64 2.66
N ALA A 49 -38.51 -2.46 3.14
CA ALA A 49 -38.50 -3.88 2.81
C ALA A 49 -37.66 -4.62 3.84
N GLU A 50 -37.68 -5.95 3.74
CA GLU A 50 -36.81 -6.79 4.54
C GLU A 50 -35.59 -7.20 3.71
N PHE A 51 -34.46 -7.35 4.40
CA PHE A 51 -33.19 -7.63 3.77
C PHE A 51 -32.46 -8.70 4.57
N PRO A 52 -31.60 -9.50 3.92
CA PRO A 52 -30.98 -10.62 4.61
C PRO A 52 -30.08 -10.15 5.75
N ARG A 53 -30.25 -10.77 6.91
CA ARG A 53 -29.27 -10.64 8.00
C ARG A 53 -28.22 -11.75 7.90
N SER A 54 -27.40 -11.64 6.85
CA SER A 54 -26.49 -12.71 6.50
C SER A 54 -25.42 -12.93 7.56
N THR A 55 -24.98 -14.16 7.68
CA THR A 55 -23.93 -14.60 8.59
C THR A 55 -22.73 -15.11 7.78
N ALA A 56 -21.67 -15.49 8.50
CA ALA A 56 -20.45 -15.98 7.88
C ALA A 56 -20.70 -17.09 6.86
N GLU A 57 -21.79 -17.85 7.02
CA GLU A 57 -22.11 -18.89 6.05
C GLU A 57 -22.53 -18.31 4.72
N ASP A 58 -23.05 -17.08 4.72
CA ASP A 58 -23.40 -16.40 3.47
C ASP A 58 -22.16 -15.77 2.85
N ILE A 59 -21.25 -15.26 3.69
CA ILE A 59 -19.99 -14.72 3.20
C ILE A 59 -19.20 -15.80 2.47
N ASP A 60 -19.19 -17.01 3.02
CA ASP A 60 -18.37 -18.08 2.47
C ASP A 60 -18.98 -18.69 1.21
N LYS A 61 -20.31 -18.68 1.09
CA LYS A 61 -20.95 -19.14 -0.14
C LYS A 61 -20.60 -18.24 -1.32
N ALA A 62 -20.64 -16.92 -1.12
CA ALA A 62 -20.28 -15.99 -2.18
C ALA A 62 -18.80 -16.10 -2.52
N LEU A 63 -17.95 -16.31 -1.50
CA LEU A 63 -16.54 -16.55 -1.75
C LEU A 63 -16.32 -17.83 -2.55
N ASP A 64 -17.16 -18.83 -2.32
CA ASP A 64 -17.12 -20.04 -3.15
C ASP A 64 -17.45 -19.72 -4.60
N ALA A 65 -18.45 -18.87 -4.82
CA ALA A 65 -18.82 -18.48 -6.18
C ALA A 65 -17.72 -17.64 -6.83
N ALA A 66 -17.19 -16.66 -6.10
CA ALA A 66 -16.16 -15.79 -6.65
C ALA A 66 -14.95 -16.58 -7.11
N HIS A 67 -14.50 -17.53 -6.28
CA HIS A 67 -13.33 -18.32 -6.64
C HIS A 67 -13.60 -19.19 -7.85
N ALA A 68 -14.80 -19.76 -7.94
CA ALA A 68 -15.15 -20.59 -9.08
C ALA A 68 -15.04 -19.81 -10.39
N ALA A 69 -15.49 -18.56 -10.39
CA ALA A 69 -15.45 -17.71 -11.56
C ALA A 69 -14.16 -16.91 -11.67
N ALA A 70 -13.28 -17.01 -10.69
CA ALA A 70 -12.11 -16.12 -10.64
C ALA A 70 -11.18 -16.36 -11.83
N GLU A 71 -10.90 -17.61 -12.16
CA GLU A 71 -9.93 -17.89 -13.22
C GLU A 71 -10.46 -17.46 -14.58
N ALA A 72 -11.72 -17.77 -14.87
CA ALA A 72 -12.28 -17.40 -16.17
C ALA A 72 -12.46 -15.90 -16.28
N TRP A 73 -12.84 -15.24 -15.19
CA TRP A 73 -13.04 -13.79 -15.23
C TRP A 73 -11.71 -13.06 -15.42
N GLY A 74 -10.70 -13.41 -14.60
CA GLY A 74 -9.39 -12.79 -14.74
C GLY A 74 -8.73 -13.01 -16.09
N ARG A 75 -9.12 -14.06 -16.81
CA ARG A 75 -8.55 -14.34 -18.12
C ARG A 75 -9.29 -13.64 -19.25
N THR A 76 -10.51 -13.17 -19.01
CA THR A 76 -11.24 -12.42 -20.02
C THR A 76 -10.41 -11.24 -20.50
N SER A 77 -10.42 -11.00 -21.81
CA SER A 77 -9.52 -10.02 -22.38
C SER A 77 -9.86 -8.62 -21.90
N VAL A 78 -8.85 -7.74 -21.90
CA VAL A 78 -9.06 -6.33 -21.56
C VAL A 78 -10.22 -5.77 -22.35
N GLN A 79 -10.27 -6.06 -23.65
CA GLN A 79 -11.34 -5.57 -24.51
C GLN A 79 -12.71 -5.99 -24.00
N GLU A 80 -12.86 -7.25 -23.58
CA GLU A 80 -14.18 -7.74 -23.20
C GLU A 80 -14.63 -7.17 -21.87
N ARG A 81 -13.74 -7.13 -20.88
CA ARG A 81 -14.11 -6.56 -19.58
C ARG A 81 -14.47 -5.09 -19.71
N SER A 82 -13.69 -4.33 -20.48
CA SER A 82 -13.99 -2.93 -20.72
C SER A 82 -15.41 -2.76 -21.28
N ASN A 83 -15.71 -3.46 -22.37
CA ASN A 83 -17.03 -3.36 -23.00
C ASN A 83 -18.15 -3.65 -22.00
N ILE A 84 -17.92 -4.60 -21.08
CA ILE A 84 -18.94 -4.94 -20.10
C ILE A 84 -19.21 -3.76 -19.16
N LEU A 85 -18.15 -3.06 -18.74
CA LEU A 85 -18.34 -1.91 -17.87
C LEU A 85 -19.00 -0.75 -18.61
N LEU A 86 -18.76 -0.63 -19.92
CA LEU A 86 -19.46 0.39 -20.69
C LEU A 86 -20.96 0.11 -20.74
N LYS A 87 -21.34 -1.16 -20.83
CA LYS A 87 -22.74 -1.52 -20.83
C LYS A 87 -23.38 -1.27 -19.46
N ILE A 88 -22.62 -1.46 -18.38
CA ILE A 88 -23.12 -1.16 -17.04
C ILE A 88 -23.43 0.33 -16.91
N ALA A 89 -22.49 1.18 -17.34
CA ALA A 89 -22.69 2.62 -17.29
C ALA A 89 -23.93 3.05 -18.04
N ASP A 90 -24.08 2.58 -19.28
CA ASP A 90 -25.27 2.89 -20.07
C ASP A 90 -26.55 2.48 -19.33
N ARG A 91 -26.57 1.28 -18.77
CA ARG A 91 -27.71 0.83 -17.99
C ARG A 91 -28.06 1.81 -16.88
N ILE A 92 -27.03 2.42 -16.27
CA ILE A 92 -27.28 3.38 -15.20
C ILE A 92 -27.91 4.67 -15.75
N GLU A 93 -27.38 5.19 -16.87
CA GLU A 93 -27.98 6.36 -17.49
C GLU A 93 -29.41 6.08 -17.92
N GLN A 94 -29.64 4.94 -18.57
CA GLN A 94 -30.97 4.61 -19.08
C GLN A 94 -32.00 4.59 -17.96
N ASN A 95 -31.58 4.31 -16.73
CA ASN A 95 -32.45 4.26 -15.56
C ASN A 95 -32.10 5.37 -14.57
N LEU A 96 -31.75 6.56 -15.07
CA LEU A 96 -31.27 7.63 -14.21
C LEU A 96 -32.33 8.06 -13.20
N GLU A 97 -33.58 8.19 -13.63
CA GLU A 97 -34.63 8.65 -12.74
C GLU A 97 -34.98 7.59 -11.70
N LEU A 98 -35.05 6.32 -12.13
CA LEU A 98 -35.42 5.23 -11.24
C LEU A 98 -34.41 5.04 -10.11
N LEU A 99 -33.11 4.99 -10.43
CA LEU A 99 -32.10 4.75 -9.41
C LEU A 99 -31.94 5.95 -8.47
N ALA A 100 -31.97 7.17 -9.02
CA ALA A 100 -31.79 8.35 -8.19
C ALA A 100 -32.90 8.46 -7.16
N VAL A 101 -34.13 8.11 -7.53
CA VAL A 101 -35.23 8.09 -6.59
C VAL A 101 -35.03 7.00 -5.54
N THR A 102 -34.44 5.87 -5.95
CA THR A 102 -34.12 4.82 -4.98
C THR A 102 -33.09 5.30 -3.97
N GLU A 103 -32.04 5.97 -4.45
CA GLU A 103 -31.06 6.58 -3.55
C GLU A 103 -31.73 7.51 -2.56
N THR A 104 -32.53 8.45 -3.06
CA THR A 104 -33.19 9.41 -2.19
C THR A 104 -34.07 8.73 -1.16
N TRP A 105 -34.85 7.74 -1.57
CA TRP A 105 -35.72 7.04 -0.64
C TRP A 105 -34.90 6.25 0.39
N ASP A 106 -33.85 5.57 -0.06
CA ASP A 106 -33.05 4.76 0.84
C ASP A 106 -32.17 5.63 1.74
N ASN A 107 -31.50 6.63 1.16
CA ASN A 107 -30.55 7.43 1.91
C ASN A 107 -31.18 8.68 2.54
N GLY A 108 -32.15 9.29 1.88
CA GLY A 108 -32.79 10.48 2.39
C GLY A 108 -32.35 11.78 1.75
N LYS A 109 -31.20 11.78 1.07
CA LYS A 109 -30.70 13.01 0.47
C LYS A 109 -31.65 13.52 -0.61
N ALA A 110 -31.56 14.83 -0.87
CA ALA A 110 -32.41 15.47 -1.87
C ALA A 110 -32.25 14.81 -3.23
N VAL A 111 -33.37 14.72 -3.96
CA VAL A 111 -33.35 14.04 -5.25
C VAL A 111 -32.46 14.76 -6.25
N ARG A 112 -32.44 16.10 -6.19
CA ARG A 112 -31.58 16.87 -7.08
C ARG A 112 -30.11 16.55 -6.91
N GLU A 113 -29.71 16.02 -5.76
CA GLU A 113 -28.34 15.53 -5.61
C GLU A 113 -28.17 14.18 -6.29
N THR A 114 -29.14 13.28 -6.11
CA THR A 114 -29.08 11.99 -6.76
C THR A 114 -29.21 12.12 -8.27
N LEU A 115 -30.02 13.08 -8.73
CA LEU A 115 -30.19 13.28 -10.16
C LEU A 115 -28.98 13.95 -10.78
N ASN A 116 -28.40 14.95 -10.11
CA ASN A 116 -27.41 15.81 -10.74
C ASN A 116 -25.96 15.48 -10.37
N ALA A 117 -25.73 14.70 -9.31
CA ALA A 117 -24.37 14.33 -8.93
C ALA A 117 -24.19 12.82 -8.84
N ASP A 118 -24.83 12.16 -7.87
CA ASP A 118 -24.47 10.79 -7.51
C ASP A 118 -24.60 9.83 -8.69
N ILE A 119 -25.79 9.78 -9.29
CA ILE A 119 -26.11 8.80 -10.31
C ILE A 119 -25.30 9.02 -11.58
N PRO A 120 -25.20 10.24 -12.13
CA PRO A 120 -24.32 10.42 -13.31
C PRO A 120 -22.86 10.13 -13.02
N LEU A 121 -22.37 10.53 -11.86
CA LEU A 121 -20.98 10.26 -11.51
C LEU A 121 -20.70 8.77 -11.42
N ALA A 122 -21.68 8.00 -10.95
CA ALA A 122 -21.52 6.54 -10.90
C ALA A 122 -21.38 5.98 -12.31
N ALA A 123 -22.26 6.41 -13.22
CA ALA A 123 -22.16 5.98 -14.61
C ALA A 123 -20.81 6.33 -15.21
N ASP A 124 -20.31 7.55 -14.94
CA ASP A 124 -19.03 7.95 -15.53
C ASP A 124 -17.89 7.08 -15.02
N HIS A 125 -17.95 6.68 -13.75
CA HIS A 125 -16.88 5.85 -13.20
C HIS A 125 -16.71 4.55 -13.97
N PHE A 126 -17.81 3.96 -14.43
CA PHE A 126 -17.71 2.76 -15.25
C PHE A 126 -17.20 3.08 -16.65
N ARG A 127 -17.67 4.18 -17.24
CA ARG A 127 -17.09 4.64 -18.49
C ARG A 127 -15.61 4.96 -18.32
N TYR A 128 -15.24 5.60 -17.21
CA TYR A 128 -13.87 6.02 -16.98
C TYR A 128 -12.93 4.83 -16.86
N PHE A 129 -13.32 3.83 -16.05
CA PHE A 129 -12.43 2.71 -15.78
C PHE A 129 -12.41 1.69 -16.91
N ALA A 130 -13.51 1.53 -17.64
CA ALA A 130 -13.44 0.82 -18.90
C ALA A 130 -12.37 1.43 -19.80
N GLY A 131 -12.29 2.77 -19.80
CA GLY A 131 -11.27 3.44 -20.60
C GLY A 131 -9.86 3.22 -20.11
N CYS A 132 -9.63 3.33 -18.80
CA CYS A 132 -8.28 3.24 -18.28
C CYS A 132 -7.70 1.84 -18.42
N ILE A 133 -8.56 0.81 -18.46
CA ILE A 133 -8.05 -0.54 -18.66
C ILE A 133 -7.62 -0.76 -20.11
N ARG A 134 -8.21 -0.01 -21.05
CA ARG A 134 -7.76 -0.09 -22.44
C ARG A 134 -6.38 0.51 -22.61
N ALA A 135 -5.98 1.43 -21.73
CA ALA A 135 -4.69 2.10 -21.85
C ALA A 135 -3.61 1.46 -20.98
N GLN A 136 -3.98 0.63 -20.01
CA GLN A 136 -2.97 0.10 -19.08
C GLN A 136 -1.93 -0.73 -19.81
N GLU A 137 -0.69 -0.54 -19.42
CA GLU A 137 0.44 -1.25 -19.98
C GLU A 137 1.37 -1.66 -18.85
N GLY A 138 1.88 -2.89 -18.94
CA GLY A 138 3.02 -3.29 -18.16
C GLY A 138 4.28 -2.67 -18.74
N SER A 139 5.42 -3.13 -18.22
CA SER A 139 6.69 -2.55 -18.62
C SER A 139 7.55 -3.60 -19.31
N ALA A 140 8.45 -3.12 -20.16
CA ALA A 140 9.42 -3.98 -20.83
C ALA A 140 10.71 -3.18 -20.98
N ALA A 141 11.73 -3.55 -20.23
CA ALA A 141 13.01 -2.86 -20.29
C ALA A 141 14.13 -3.87 -20.41
N GLU A 142 15.11 -3.56 -21.25
CA GLU A 142 16.32 -4.37 -21.33
C GLU A 142 17.30 -3.94 -20.25
N ILE A 143 17.67 -4.87 -19.38
CA ILE A 143 18.74 -4.62 -18.43
C ILE A 143 20.10 -4.68 -19.14
N ASN A 144 20.25 -5.57 -20.12
CA ASN A 144 21.42 -5.58 -20.99
C ASN A 144 21.10 -6.42 -22.23
N ASP A 145 22.15 -6.78 -22.97
CA ASP A 145 21.99 -7.43 -24.26
C ASP A 145 21.17 -8.71 -24.19
N SER A 146 21.29 -9.45 -23.09
CA SER A 146 20.64 -10.74 -22.96
C SER A 146 19.79 -10.84 -21.70
N THR A 147 19.42 -9.70 -21.11
CA THR A 147 18.62 -9.68 -19.89
C THR A 147 17.51 -8.66 -20.07
N VAL A 148 16.26 -9.12 -20.01
CA VAL A 148 15.08 -8.29 -20.27
C VAL A 148 14.12 -8.46 -19.11
N ALA A 149 13.72 -7.35 -18.50
CA ALA A 149 12.73 -7.36 -17.44
C ALA A 149 11.34 -7.08 -18.00
N TYR A 150 10.39 -7.94 -17.68
CA TYR A 150 8.99 -7.73 -17.99
C TYR A 150 8.18 -7.61 -16.70
N HIS A 151 7.25 -6.67 -16.67
CA HIS A 151 6.31 -6.52 -15.57
C HIS A 151 4.90 -6.64 -16.14
N ILE A 152 4.14 -7.59 -15.62
CA ILE A 152 2.80 -7.88 -16.13
C ILE A 152 1.80 -7.64 -15.02
N HIS A 153 0.82 -6.77 -15.28
CA HIS A 153 -0.27 -6.58 -14.34
C HIS A 153 -1.09 -7.86 -14.27
N GLU A 154 -1.34 -8.34 -13.06
CA GLU A 154 -2.18 -9.51 -12.88
C GLU A 154 -3.25 -9.20 -11.85
N PRO A 155 -4.48 -9.64 -12.08
CA PRO A 155 -5.54 -9.40 -11.10
C PRO A 155 -5.23 -10.09 -9.78
N LEU A 156 -5.76 -9.54 -8.69
CA LEU A 156 -5.55 -10.14 -7.39
C LEU A 156 -6.42 -11.37 -7.16
N GLY A 157 -7.51 -11.50 -7.92
CA GLY A 157 -8.37 -12.65 -7.78
C GLY A 157 -9.72 -12.34 -7.17
N VAL A 158 -9.89 -12.68 -5.90
CA VAL A 158 -11.14 -12.47 -5.17
C VAL A 158 -10.90 -11.40 -4.12
N VAL A 159 -11.73 -10.35 -4.13
CA VAL A 159 -11.55 -9.20 -3.28
C VAL A 159 -12.84 -8.90 -2.51
N GLY A 160 -12.69 -8.49 -1.26
CA GLY A 160 -13.80 -8.04 -0.43
C GLY A 160 -13.87 -6.52 -0.41
N GLN A 161 -15.09 -6.00 -0.54
CA GLN A 161 -15.32 -4.55 -0.53
C GLN A 161 -16.52 -4.25 0.36
N ILE A 162 -16.38 -3.25 1.22
CA ILE A 162 -17.43 -2.83 2.14
C ILE A 162 -17.63 -1.33 2.00
N ILE A 163 -18.86 -0.91 1.70
CA ILE A 163 -19.15 0.48 1.38
C ILE A 163 -20.07 1.12 2.41
N PRO A 164 -19.98 2.44 2.62
CA PRO A 164 -20.86 3.11 3.61
C PRO A 164 -22.20 3.53 3.03
N TRP A 165 -22.94 4.33 3.80
CA TRP A 165 -24.30 4.71 3.45
C TRP A 165 -24.44 6.09 2.81
N ASN A 166 -23.42 6.95 2.92
CA ASN A 166 -23.61 8.33 2.50
C ASN A 166 -23.55 8.53 0.99
N PHE A 167 -23.10 7.53 0.24
CA PHE A 167 -23.20 7.52 -1.23
C PHE A 167 -23.36 6.08 -1.70
N PRO A 168 -24.49 5.44 -1.36
CA PRO A 168 -24.59 3.97 -1.54
C PRO A 168 -24.19 3.47 -2.91
N LEU A 169 -24.82 3.99 -3.97
CA LEU A 169 -24.49 3.54 -5.32
C LEU A 169 -23.17 4.14 -5.81
N LEU A 170 -22.92 5.41 -5.49
CA LEU A 170 -21.70 6.05 -5.99
C LEU A 170 -20.46 5.46 -5.36
N MET A 171 -20.50 5.11 -4.06
CA MET A 171 -19.39 4.39 -3.47
C MET A 171 -19.28 2.98 -4.05
N ALA A 172 -20.41 2.37 -4.40
CA ALA A 172 -20.36 1.09 -5.10
C ALA A 172 -19.57 1.21 -6.40
N ALA A 173 -19.88 2.22 -7.21
CA ALA A 173 -19.14 2.43 -8.45
C ALA A 173 -17.68 2.75 -8.19
N TRP A 174 -17.40 3.54 -7.14
CA TRP A 174 -16.02 3.88 -6.80
C TRP A 174 -15.17 2.64 -6.56
N LYS A 175 -15.78 1.54 -6.12
CA LYS A 175 -15.05 0.31 -5.82
C LYS A 175 -15.29 -0.79 -6.84
N LEU A 176 -16.52 -0.94 -7.33
CA LEU A 176 -16.80 -2.00 -8.30
C LEU A 176 -16.10 -1.75 -9.62
N ALA A 177 -16.09 -0.51 -10.10
CA ALA A 177 -15.58 -0.23 -11.45
C ALA A 177 -14.10 -0.55 -11.60
N PRO A 178 -13.18 -0.11 -10.74
CA PRO A 178 -11.77 -0.46 -10.96
C PRO A 178 -11.45 -1.91 -10.67
N ALA A 179 -12.07 -2.49 -9.64
CA ALA A 179 -11.78 -3.88 -9.30
C ALA A 179 -12.27 -4.83 -10.39
N LEU A 180 -13.44 -4.55 -10.97
CA LEU A 180 -13.94 -5.37 -12.08
C LEU A 180 -13.09 -5.15 -13.33
N ALA A 181 -12.79 -3.90 -13.65
CA ALA A 181 -11.91 -3.60 -14.78
C ALA A 181 -10.59 -4.32 -14.65
N ALA A 182 -10.09 -4.47 -13.42
CA ALA A 182 -8.82 -5.14 -13.19
C ALA A 182 -8.93 -6.65 -13.28
N GLY A 183 -10.14 -7.20 -13.41
CA GLY A 183 -10.32 -8.62 -13.54
C GLY A 183 -10.54 -9.38 -12.25
N ASN A 184 -11.03 -8.72 -11.21
CA ASN A 184 -11.32 -9.38 -9.95
C ASN A 184 -12.79 -9.72 -9.83
N CYS A 185 -13.07 -10.77 -9.06
CA CYS A 185 -14.42 -11.05 -8.59
C CYS A 185 -14.60 -10.37 -7.24
N VAL A 186 -15.81 -9.87 -6.98
CA VAL A 186 -16.06 -8.98 -5.86
C VAL A 186 -17.11 -9.61 -4.95
N VAL A 187 -16.81 -9.66 -3.65
CA VAL A 187 -17.80 -9.85 -2.60
C VAL A 187 -17.96 -8.49 -1.92
N LEU A 188 -19.15 -7.90 -2.07
CA LEU A 188 -19.42 -6.54 -1.63
C LEU A 188 -20.44 -6.55 -0.50
N LYS A 189 -20.10 -5.88 0.60
CA LYS A 189 -21.02 -5.76 1.72
C LYS A 189 -21.46 -4.30 1.83
N PRO A 190 -22.71 -3.98 1.50
CA PRO A 190 -23.17 -2.59 1.61
C PRO A 190 -23.57 -2.28 3.05
N ALA A 191 -23.57 -0.98 3.35
CA ALA A 191 -23.99 -0.54 4.67
C ALA A 191 -25.41 -1.01 4.96
N GLU A 192 -25.61 -1.66 6.11
CA GLU A 192 -26.95 -2.08 6.49
C GLU A 192 -27.90 -0.90 6.60
N GLN A 193 -27.38 0.33 6.64
CA GLN A 193 -28.25 1.49 6.62
C GLN A 193 -28.85 1.71 5.24
N THR A 194 -28.14 1.34 4.17
CA THR A 194 -28.58 1.61 2.80
C THR A 194 -28.39 0.39 1.92
N PRO A 195 -29.16 -0.68 2.17
CA PRO A 195 -29.02 -1.89 1.34
C PRO A 195 -29.82 -1.86 0.04
N LEU A 196 -30.80 -0.97 -0.09
CA LEU A 196 -31.76 -1.05 -1.19
C LEU A 196 -31.11 -0.76 -2.54
N GLY A 197 -30.30 0.31 -2.60
CA GLY A 197 -29.76 0.77 -3.88
C GLY A 197 -29.04 -0.32 -4.65
N ILE A 198 -28.16 -1.07 -3.98
CA ILE A 198 -27.41 -2.13 -4.65
C ILE A 198 -28.35 -3.13 -5.30
N CYS A 199 -29.37 -3.58 -4.57
CA CYS A 199 -30.31 -4.55 -5.11
C CYS A 199 -30.94 -4.05 -6.40
N VAL A 200 -31.48 -2.84 -6.38
CA VAL A 200 -32.10 -2.28 -7.59
C VAL A 200 -31.07 -2.18 -8.71
N LEU A 201 -29.85 -1.78 -8.37
CA LEU A 201 -28.78 -1.77 -9.36
C LEU A 201 -28.53 -3.17 -9.92
N LEU A 202 -28.50 -4.18 -9.03
CA LEU A 202 -28.23 -5.54 -9.46
C LEU A 202 -29.36 -6.10 -10.32
N GLU A 203 -30.61 -5.79 -9.98
CA GLU A 203 -31.74 -6.22 -10.82
C GLU A 203 -31.61 -5.69 -12.23
N LEU A 204 -30.96 -4.54 -12.42
CA LEU A 204 -30.84 -3.93 -13.74
C LEU A 204 -29.58 -4.34 -14.49
N ILE A 205 -28.48 -4.63 -13.79
CA ILE A 205 -27.19 -4.83 -14.42
C ILE A 205 -26.57 -6.19 -14.17
N GLY A 206 -27.15 -7.00 -13.28
CA GLY A 206 -26.57 -8.30 -12.95
C GLY A 206 -26.29 -9.17 -14.17
N ASP A 207 -27.28 -9.29 -15.05
CA ASP A 207 -27.20 -10.18 -16.21
C ASP A 207 -25.96 -9.94 -17.06
N LEU A 208 -25.42 -8.71 -17.03
CA LEU A 208 -24.27 -8.38 -17.85
C LEU A 208 -22.97 -9.04 -17.37
N LEU A 209 -22.97 -9.61 -16.17
CA LEU A 209 -21.75 -10.21 -15.66
C LEU A 209 -21.91 -11.72 -15.50
N PRO A 210 -20.84 -12.49 -15.73
CA PRO A 210 -20.92 -13.93 -15.49
C PRO A 210 -21.28 -14.22 -14.04
N PRO A 211 -22.01 -15.30 -13.79
CA PRO A 211 -22.36 -15.66 -12.42
C PRO A 211 -21.13 -15.79 -11.54
N GLY A 212 -21.24 -15.26 -10.31
CA GLY A 212 -20.17 -15.29 -9.35
C GLY A 212 -19.13 -14.21 -9.50
N VAL A 213 -19.26 -13.34 -10.51
CA VAL A 213 -18.30 -12.24 -10.66
C VAL A 213 -18.64 -11.11 -9.70
N LEU A 214 -19.91 -10.76 -9.59
CA LEU A 214 -20.39 -9.73 -8.67
C LEU A 214 -21.34 -10.38 -7.67
N ASN A 215 -20.92 -10.43 -6.41
CA ASN A 215 -21.73 -10.97 -5.33
C ASN A 215 -21.88 -9.91 -4.25
N VAL A 216 -23.12 -9.70 -3.79
CA VAL A 216 -23.42 -8.70 -2.78
C VAL A 216 -24.06 -9.40 -1.59
N VAL A 217 -23.44 -9.29 -0.44
CA VAL A 217 -23.94 -9.89 0.79
C VAL A 217 -24.46 -8.78 1.68
N GLN A 218 -25.77 -8.79 1.93
CA GLN A 218 -26.41 -7.82 2.80
C GLN A 218 -26.29 -8.26 4.25
N GLY A 219 -26.15 -7.31 5.15
CA GLY A 219 -26.10 -7.64 6.55
C GLY A 219 -25.47 -6.52 7.37
N PHE A 220 -25.09 -6.87 8.59
CA PHE A 220 -24.55 -5.94 9.56
C PHE A 220 -23.03 -6.00 9.56
N GLY A 221 -22.41 -4.87 9.90
CA GLY A 221 -20.97 -4.76 9.78
C GLY A 221 -20.21 -5.74 10.65
N ARG A 222 -20.67 -5.93 11.89
CA ARG A 222 -19.98 -6.82 12.81
C ARG A 222 -20.27 -8.29 12.56
N GLU A 223 -21.25 -8.61 11.72
CA GLU A 223 -21.55 -10.00 11.42
C GLU A 223 -20.98 -10.36 10.06
N ALA A 224 -21.70 -10.03 8.99
CA ALA A 224 -21.22 -10.32 7.65
C ALA A 224 -19.91 -9.59 7.35
N GLY A 225 -19.83 -8.31 7.70
CA GLY A 225 -18.62 -7.56 7.43
C GLY A 225 -17.40 -8.12 8.13
N GLU A 226 -17.59 -8.60 9.37
CA GLU A 226 -16.49 -9.22 10.09
C GLU A 226 -16.03 -10.50 9.39
N ALA A 227 -16.98 -11.38 9.08
CA ALA A 227 -16.65 -12.62 8.37
C ALA A 227 -15.89 -12.35 7.08
N LEU A 228 -16.25 -11.27 6.37
CA LEU A 228 -15.56 -10.95 5.13
C LEU A 228 -14.21 -10.29 5.41
N ALA A 229 -14.17 -9.36 6.36
CA ALA A 229 -12.93 -8.64 6.64
C ALA A 229 -11.85 -9.57 7.17
N THR A 230 -12.23 -10.69 7.76
CA THR A 230 -11.28 -11.66 8.31
C THR A 230 -11.14 -12.89 7.43
N SER A 231 -11.80 -12.92 6.27
CA SER A 231 -11.72 -14.07 5.38
C SER A 231 -10.27 -14.36 4.99
N LYS A 232 -9.92 -15.65 5.03
CA LYS A 232 -8.64 -16.11 4.50
C LYS A 232 -8.66 -16.28 2.99
N ARG A 233 -9.80 -16.01 2.34
CA ARG A 233 -10.01 -16.34 0.94
C ARG A 233 -10.04 -15.12 0.04
N ILE A 234 -9.74 -13.94 0.58
CA ILE A 234 -9.60 -12.73 -0.22
C ILE A 234 -8.13 -12.35 -0.26
N ALA A 235 -7.68 -11.85 -1.42
CA ALA A 235 -6.31 -11.40 -1.60
C ALA A 235 -6.12 -9.94 -1.21
N LYS A 236 -7.20 -9.22 -0.95
CA LYS A 236 -7.17 -7.81 -0.59
C LYS A 236 -8.53 -7.44 0.01
N ILE A 237 -8.51 -6.52 0.95
CA ILE A 237 -9.72 -5.92 1.50
C ILE A 237 -9.74 -4.44 1.12
N ALA A 238 -10.94 -3.91 0.90
CA ALA A 238 -11.12 -2.51 0.57
C ALA A 238 -12.30 -1.99 1.37
N PHE A 239 -12.10 -0.88 2.06
CA PHE A 239 -13.09 -0.41 3.02
C PHE A 239 -13.13 1.11 3.04
N THR A 240 -14.34 1.67 3.03
CA THR A 240 -14.58 3.08 3.27
C THR A 240 -15.53 3.19 4.46
N GLY A 241 -15.20 4.08 5.40
CA GLY A 241 -16.04 4.24 6.58
C GLY A 241 -15.33 5.02 7.67
N SER A 242 -15.69 4.73 8.91
CA SER A 242 -15.19 5.50 10.04
C SER A 242 -13.79 5.05 10.46
N THR A 243 -12.97 6.04 10.85
CA THR A 243 -11.56 5.82 11.17
C THR A 243 -11.30 4.69 12.17
N PRO A 244 -12.02 4.57 13.29
CA PRO A 244 -11.71 3.45 14.21
C PRO A 244 -11.89 2.09 13.57
N VAL A 245 -12.90 1.94 12.72
CA VAL A 245 -13.11 0.68 12.01
C VAL A 245 -12.05 0.49 10.93
N GLY A 246 -11.55 1.59 10.36
CA GLY A 246 -10.49 1.47 9.36
C GLY A 246 -9.24 0.81 9.92
N SER A 247 -8.73 1.33 11.03
CA SER A 247 -7.60 0.71 11.72
C SER A 247 -7.83 -0.79 11.93
N HIS A 248 -9.05 -1.17 12.30
CA HIS A 248 -9.37 -2.58 12.49
C HIS A 248 -9.24 -3.36 11.20
N ILE A 249 -9.76 -2.82 10.10
CA ILE A 249 -9.56 -3.45 8.80
C ILE A 249 -8.07 -3.64 8.54
N LEU A 250 -7.28 -2.61 8.86
CA LEU A 250 -5.84 -2.70 8.68
C LEU A 250 -5.22 -3.72 9.63
N LYS A 251 -5.81 -3.93 10.81
CA LYS A 251 -5.37 -5.01 11.69
C LYS A 251 -5.69 -6.37 11.10
N CYS A 252 -6.96 -6.59 10.72
CA CYS A 252 -7.36 -7.85 10.12
C CYS A 252 -6.58 -8.10 8.83
N ALA A 253 -6.32 -7.06 8.05
CA ALA A 253 -5.49 -7.22 6.85
C ALA A 253 -4.07 -7.60 7.25
N ALA A 254 -3.56 -7.01 8.33
CA ALA A 254 -2.25 -7.38 8.84
C ALA A 254 -2.20 -8.85 9.24
N GLU A 255 -3.31 -9.39 9.76
CA GLU A 255 -3.32 -10.77 10.24
C GLU A 255 -2.99 -11.75 9.12
N ASN A 256 -3.37 -11.41 7.89
CA ASN A 256 -3.23 -12.30 6.74
C ASN A 256 -2.25 -11.77 5.70
N ILE A 257 -1.61 -10.63 5.95
CA ILE A 257 -0.61 -10.05 5.06
C ILE A 257 -1.18 -9.86 3.67
N ILE A 258 -2.24 -9.06 3.57
CA ILE A 258 -2.84 -8.73 2.29
C ILE A 258 -2.78 -7.21 2.11
N PRO A 259 -2.64 -6.71 0.88
CA PRO A 259 -2.69 -5.25 0.69
C PRO A 259 -4.03 -4.70 1.13
N SER A 260 -4.02 -3.42 1.50
CA SER A 260 -5.23 -2.79 2.03
C SER A 260 -5.31 -1.35 1.55
N THR A 261 -6.53 -0.93 1.25
CA THR A 261 -6.82 0.47 1.01
C THR A 261 -7.98 0.92 1.89
N VAL A 262 -7.80 2.05 2.59
CA VAL A 262 -8.83 2.60 3.45
C VAL A 262 -8.99 4.11 3.20
N GLU A 263 -10.17 4.54 2.73
CA GLU A 263 -10.80 5.84 3.01
C GLU A 263 -11.42 5.93 4.36
N LEU A 264 -10.99 6.95 5.11
CA LEU A 264 -11.56 7.22 6.42
C LEU A 264 -12.24 8.59 6.44
N GLY A 265 -12.26 9.20 7.62
CA GLY A 265 -13.00 10.43 7.85
C GLY A 265 -12.14 11.67 7.71
N GLY A 266 -12.81 12.82 7.74
CA GLY A 266 -12.10 14.08 7.66
C GLY A 266 -12.84 15.21 8.37
N LYS A 267 -12.10 16.30 8.60
CA LYS A 267 -12.65 17.57 9.08
C LYS A 267 -12.01 18.64 8.20
N SER A 268 -12.65 18.92 7.08
CA SER A 268 -12.01 19.62 5.96
C SER A 268 -12.00 21.13 6.18
N PRO A 269 -10.85 21.79 6.17
CA PRO A 269 -10.81 23.25 6.33
C PRO A 269 -11.04 23.98 5.01
N ASN A 270 -11.95 24.96 5.03
CA ASN A 270 -12.26 25.80 3.88
C ASN A 270 -11.74 27.21 4.17
N ILE A 271 -10.70 27.62 3.45
CA ILE A 271 -9.92 28.80 3.78
C ILE A 271 -10.23 29.89 2.77
N TYR A 272 -10.56 31.08 3.27
CA TYR A 272 -10.98 32.22 2.47
C TYR A 272 -10.06 33.40 2.76
N PHE A 273 -9.19 33.73 1.80
CA PHE A 273 -8.28 34.85 1.97
C PHE A 273 -8.96 36.17 1.63
N GLU A 274 -8.33 37.27 2.05
CA GLU A 274 -8.98 38.57 1.99
C GLU A 274 -9.17 39.08 0.57
N ASP A 275 -8.31 38.68 -0.36
CA ASP A 275 -8.36 39.26 -1.70
C ASP A 275 -9.63 38.87 -2.46
N ILE A 276 -10.35 37.84 -2.00
CA ILE A 276 -11.58 37.44 -2.69
C ILE A 276 -12.60 38.58 -2.68
N MET A 277 -12.57 39.42 -1.65
CA MET A 277 -13.48 40.55 -1.57
C MET A 277 -13.19 41.61 -2.64
N GLN A 278 -12.05 41.52 -3.32
CA GLN A 278 -11.70 42.43 -4.39
C GLN A 278 -11.95 41.85 -5.78
N ALA A 279 -12.46 40.63 -5.87
CA ALA A 279 -12.71 40.04 -7.18
C ALA A 279 -14.05 40.53 -7.72
N GLU A 280 -14.40 40.00 -8.89
CA GLU A 280 -15.69 40.30 -9.51
C GLU A 280 -16.81 39.82 -8.60
N PRO A 281 -17.98 40.48 -8.66
CA PRO A 281 -19.10 40.07 -7.80
C PRO A 281 -19.48 38.61 -7.94
N ALA A 282 -19.27 38.01 -9.11
CA ALA A 282 -19.62 36.59 -9.28
C ALA A 282 -18.67 35.68 -8.50
N PHE A 283 -17.40 36.06 -8.40
CA PHE A 283 -16.44 35.26 -7.62
C PHE A 283 -16.82 35.26 -6.15
N ILE A 284 -17.08 36.44 -5.58
CA ILE A 284 -17.55 36.56 -4.20
C ILE A 284 -18.69 35.60 -3.94
N GLU A 285 -19.69 35.59 -4.83
CA GLU A 285 -20.86 34.72 -4.63
C GLU A 285 -20.48 33.24 -4.70
N LYS A 286 -19.64 32.85 -5.67
CA LYS A 286 -19.20 31.46 -5.71
C LYS A 286 -18.50 31.07 -4.41
N ALA A 287 -17.76 32.00 -3.80
CA ALA A 287 -17.08 31.71 -2.55
C ALA A 287 -18.07 31.48 -1.43
N ALA A 288 -19.06 32.37 -1.29
CA ALA A 288 -20.12 32.17 -0.30
C ALA A 288 -20.83 30.84 -0.52
N GLU A 289 -21.04 30.47 -1.78
CA GLU A 289 -21.58 29.13 -2.08
C GLU A 289 -20.69 28.04 -1.52
N GLY A 290 -19.38 28.14 -1.76
CA GLY A 290 -18.45 27.10 -1.34
C GLY A 290 -18.46 26.81 0.15
N LEU A 291 -18.88 27.78 0.97
CA LEU A 291 -19.03 27.51 2.40
C LEU A 291 -20.37 26.83 2.66
N VAL A 292 -21.44 27.33 2.04
CA VAL A 292 -22.75 26.71 2.18
C VAL A 292 -22.79 25.32 1.56
N LEU A 293 -21.89 25.03 0.62
CA LEU A 293 -21.79 23.68 0.05
C LEU A 293 -21.52 22.62 1.10
N ALA A 294 -21.07 23.01 2.30
CA ALA A 294 -20.93 22.05 3.39
C ALA A 294 -22.23 21.34 3.73
N PHE A 295 -23.38 21.94 3.41
CA PHE A 295 -24.66 21.29 3.65
C PHE A 295 -25.07 20.35 2.52
N PHE A 296 -24.25 20.21 1.48
CA PHE A 296 -24.48 19.23 0.44
C PHE A 296 -24.49 17.82 1.03
N ASN A 297 -25.45 17.01 0.60
CA ASN A 297 -25.68 15.67 1.15
C ASN A 297 -25.87 15.71 2.66
N GLN A 298 -26.45 16.81 3.16
CA GLN A 298 -26.75 16.99 4.58
C GLN A 298 -25.47 17.01 5.42
N GLY A 299 -24.36 17.42 4.82
CA GLY A 299 -23.10 17.39 5.51
C GLY A 299 -22.57 16.00 5.76
N GLU A 300 -23.21 14.98 5.19
CA GLU A 300 -22.79 13.59 5.39
C GLU A 300 -21.79 13.19 4.30
N VAL A 301 -20.65 13.87 4.33
CA VAL A 301 -19.56 13.68 3.37
C VAL A 301 -18.26 13.64 4.15
N CYS A 302 -17.40 12.69 3.82
CA CYS A 302 -16.12 12.56 4.51
C CYS A 302 -15.22 13.77 4.30
N THR A 303 -15.39 14.50 3.20
CA THR A 303 -14.64 15.73 2.97
C THR A 303 -15.50 16.98 3.17
N CYS A 304 -16.59 16.86 3.90
CA CYS A 304 -17.46 18.00 4.20
C CYS A 304 -16.64 19.16 4.76
N PRO A 305 -16.73 20.36 4.17
CA PRO A 305 -15.98 21.53 4.69
C PRO A 305 -16.64 22.10 5.94
N SER A 306 -16.53 21.35 7.03
CA SER A 306 -17.16 21.73 8.29
C SER A 306 -16.32 22.70 9.10
N ARG A 307 -15.15 23.09 8.60
CA ARG A 307 -14.30 24.09 9.23
C ARG A 307 -14.05 25.19 8.22
N ALA A 308 -14.73 26.31 8.40
CA ALA A 308 -14.51 27.49 7.56
C ALA A 308 -13.50 28.42 8.22
N LEU A 309 -12.45 28.77 7.49
CA LEU A 309 -11.40 29.66 7.98
C LEU A 309 -11.43 30.92 7.13
N VAL A 310 -11.79 32.05 7.74
CA VAL A 310 -11.95 33.32 7.03
C VAL A 310 -10.99 34.34 7.62
N GLN A 311 -10.31 35.07 6.74
CA GLN A 311 -9.38 36.10 7.21
C GLN A 311 -10.12 37.19 7.97
N GLU A 312 -9.53 37.63 9.08
CA GLU A 312 -10.20 38.59 9.96
C GLU A 312 -10.66 39.85 9.21
N SER A 313 -9.82 40.37 8.32
CA SER A 313 -10.11 41.67 7.71
C SER A 313 -11.41 41.67 6.93
N ILE A 314 -11.81 40.53 6.36
CA ILE A 314 -13.02 40.46 5.54
C ILE A 314 -14.16 39.74 6.22
N TYR A 315 -13.95 39.14 7.41
CA TYR A 315 -14.99 38.33 8.06
C TYR A 315 -16.37 38.99 8.10
N PRO A 316 -16.53 40.23 8.58
CA PRO A 316 -17.90 40.79 8.65
C PRO A 316 -18.58 40.86 7.31
N ALA A 317 -17.86 41.27 6.26
CA ALA A 317 -18.49 41.44 4.96
C ALA A 317 -18.73 40.11 4.25
N PHE A 318 -17.84 39.13 4.44
CA PHE A 318 -18.01 37.85 3.76
C PHE A 318 -19.17 37.06 4.37
N MET A 319 -19.21 36.98 5.70
CA MET A 319 -20.24 36.18 6.36
C MET A 319 -21.65 36.65 6.02
N GLU A 320 -21.85 37.94 5.73
CA GLU A 320 -23.19 38.38 5.38
C GLU A 320 -23.62 37.87 4.01
N GLU A 321 -22.67 37.67 3.08
CA GLU A 321 -23.03 36.98 1.84
C GLU A 321 -23.25 35.50 2.09
N VAL A 322 -22.44 34.89 2.96
CA VAL A 322 -22.64 33.49 3.33
C VAL A 322 -23.98 33.33 4.03
N LEU A 323 -24.30 34.24 4.96
CA LEU A 323 -25.56 34.16 5.67
C LEU A 323 -26.75 34.40 4.74
N LYS A 324 -26.56 35.20 3.68
CA LYS A 324 -27.62 35.40 2.71
C LYS A 324 -28.08 34.07 2.11
N LYS A 325 -27.14 33.17 1.86
CA LYS A 325 -27.50 31.89 1.25
C LYS A 325 -28.00 30.88 2.29
N VAL A 326 -27.43 30.89 3.49
CA VAL A 326 -27.86 29.95 4.53
C VAL A 326 -29.35 30.11 4.81
N ARG A 327 -29.80 31.37 4.97
CA ARG A 327 -31.22 31.61 5.18
C ARG A 327 -32.08 31.24 3.97
N ALA A 328 -31.50 31.24 2.77
CA ALA A 328 -32.24 30.99 1.55
C ALA A 328 -32.38 29.51 1.21
N ILE A 329 -31.91 28.62 2.09
CA ILE A 329 -31.97 27.19 1.82
C ILE A 329 -33.43 26.74 1.87
N LYS A 330 -33.90 26.20 0.74
CA LYS A 330 -35.24 25.62 0.69
C LYS A 330 -35.24 24.25 1.36
N ARG A 331 -36.29 23.97 2.11
CA ARG A 331 -36.46 22.67 2.74
C ARG A 331 -37.86 22.13 2.44
N GLY A 332 -37.99 20.82 2.52
CA GLY A 332 -39.23 20.12 2.23
C GLY A 332 -38.95 18.69 1.80
N ASP A 333 -39.77 18.23 0.86
CA ASP A 333 -39.74 16.86 0.36
C ASP A 333 -38.42 16.55 -0.33
N PRO A 334 -37.66 15.54 0.10
CA PRO A 334 -36.42 15.20 -0.62
C PRO A 334 -36.67 14.87 -2.08
N LEU A 335 -37.81 14.25 -2.41
CA LEU A 335 -38.22 14.01 -3.79
C LEU A 335 -38.68 15.27 -4.50
N ASP A 336 -38.63 16.43 -3.84
CA ASP A 336 -38.90 17.71 -4.49
C ASP A 336 -37.57 18.26 -5.00
N THR A 337 -37.44 18.38 -6.33
CA THR A 337 -36.21 18.91 -6.91
C THR A 337 -35.84 20.27 -6.31
N GLU A 338 -36.84 21.07 -5.95
CA GLU A 338 -36.56 22.36 -5.33
C GLU A 338 -35.96 22.21 -3.95
N THR A 339 -36.21 21.09 -3.26
CA THR A 339 -35.66 20.88 -1.93
C THR A 339 -34.15 20.73 -2.05
N MET A 340 -33.41 21.55 -1.31
CA MET A 340 -31.97 21.63 -1.42
C MET A 340 -31.22 20.83 -0.38
N VAL A 341 -31.85 20.54 0.77
CA VAL A 341 -31.21 19.81 1.86
C VAL A 341 -32.19 18.74 2.33
N GLY A 342 -31.79 17.48 2.23
CA GLY A 342 -32.64 16.36 2.55
C GLY A 342 -32.48 15.86 3.97
N ALA A 343 -32.90 14.62 4.18
CA ALA A 343 -32.89 14.01 5.50
C ALA A 343 -31.53 13.41 5.82
N GLN A 344 -31.22 13.37 7.11
CA GLN A 344 -30.11 12.55 7.57
C GLN A 344 -30.37 11.09 7.26
N ALA A 345 -29.29 10.30 7.19
CA ALA A 345 -29.40 8.95 6.64
C ALA A 345 -30.12 8.00 7.58
N SER A 346 -29.91 8.14 8.88
CA SER A 346 -30.49 7.19 9.84
C SER A 346 -30.94 7.91 11.10
N GLN A 347 -31.59 7.16 11.97
CA GLN A 347 -31.95 7.67 13.28
C GLN A 347 -30.73 7.87 14.18
N GLN A 348 -29.77 6.96 14.09
CA GLN A 348 -28.54 7.11 14.88
C GLN A 348 -27.77 8.34 14.43
N GLN A 349 -27.73 8.59 13.12
CA GLN A 349 -27.07 9.77 12.59
C GLN A 349 -27.77 11.04 13.03
N TYR A 350 -29.11 11.03 13.01
CA TYR A 350 -29.91 12.18 13.43
C TYR A 350 -29.64 12.54 14.87
N GLU A 351 -29.61 11.55 15.75
CA GLU A 351 -29.36 11.79 17.17
C GLU A 351 -27.89 12.03 17.47
N LYS A 352 -26.98 11.38 16.74
CA LYS A 352 -25.55 11.63 16.95
C LYS A 352 -25.21 13.09 16.71
N ILE A 353 -25.79 13.69 15.67
CA ILE A 353 -25.51 15.10 15.37
C ILE A 353 -26.12 16.00 16.44
N LEU A 354 -27.34 15.66 16.89
CA LEU A 354 -27.98 16.45 17.94
C LEU A 354 -27.17 16.42 19.22
N SER A 355 -26.48 15.31 19.50
CA SER A 355 -25.59 15.26 20.65
C SER A 355 -24.40 16.21 20.48
N TYR A 356 -23.96 16.45 19.25
CA TYR A 356 -22.86 17.38 19.04
C TYR A 356 -23.31 18.83 19.14
N LEU A 357 -24.54 19.14 18.72
CA LEU A 357 -25.07 20.49 18.92
C LEU A 357 -25.17 20.79 20.42
N ASP A 358 -25.68 19.84 21.20
CA ASP A 358 -25.71 20.03 22.65
C ASP A 358 -24.32 20.32 23.19
N ILE A 359 -23.31 19.59 22.71
CA ILE A 359 -21.94 19.83 23.17
C ILE A 359 -21.44 21.18 22.69
N ALA A 360 -21.79 21.55 21.44
CA ALA A 360 -21.32 22.82 20.89
C ALA A 360 -21.73 24.00 21.77
N GLN A 361 -22.96 24.00 22.27
CA GLN A 361 -23.42 25.14 23.06
C GLN A 361 -22.66 25.25 24.38
N GLN A 362 -22.36 24.10 25.01
CA GLN A 362 -21.69 24.07 26.30
C GLN A 362 -20.20 24.40 26.21
N GLU A 363 -19.64 24.53 25.00
CA GLU A 363 -18.23 24.87 24.85
C GLU A 363 -18.02 26.33 24.43
N GLY A 364 -19.06 27.15 24.49
CA GLY A 364 -18.96 28.52 24.08
C GLY A 364 -19.00 28.73 22.58
N ALA A 365 -19.35 27.69 21.82
CA ALA A 365 -19.51 27.83 20.38
C ALA A 365 -20.74 28.69 20.11
N GLU A 366 -20.52 29.81 19.44
CA GLU A 366 -21.58 30.78 19.18
C GLU A 366 -22.42 30.39 17.98
N LEU A 367 -23.74 30.37 18.16
CA LEU A 367 -24.67 29.96 17.11
C LEU A 367 -24.96 31.15 16.20
N LEU A 368 -24.63 30.99 14.90
CA LEU A 368 -24.97 31.99 13.90
C LEU A 368 -26.13 31.59 13.00
N ALA A 369 -26.48 30.31 12.94
CA ALA A 369 -27.61 29.84 12.14
C ALA A 369 -27.97 28.43 12.57
N GLY A 370 -29.27 28.11 12.46
CA GLY A 370 -29.72 26.76 12.73
C GLY A 370 -29.54 26.37 14.18
N GLY A 371 -29.06 25.13 14.39
CA GLY A 371 -28.74 24.66 15.72
C GLY A 371 -29.74 23.72 16.36
N SER A 372 -30.81 23.37 15.66
CA SER A 372 -31.84 22.52 16.26
C SER A 372 -32.41 21.61 15.18
N VAL A 373 -33.57 21.04 15.47
CA VAL A 373 -34.24 20.16 14.52
C VAL A 373 -34.89 20.98 13.41
N GLU A 374 -35.15 20.32 12.29
CA GLU A 374 -35.91 20.90 11.19
C GLU A 374 -37.26 20.18 11.21
N LYS A 375 -38.27 20.86 11.74
CA LYS A 375 -39.59 20.28 11.99
C LYS A 375 -40.43 20.39 10.73
N LEU A 376 -40.39 19.35 9.90
CA LEU A 376 -41.18 19.31 8.67
C LEU A 376 -42.58 18.75 8.91
N GLU A 377 -43.53 19.25 8.12
CA GLU A 377 -44.93 18.91 8.20
C GLU A 377 -45.20 17.56 7.53
N GLY A 378 -46.48 17.17 7.51
CA GLY A 378 -46.92 15.98 6.81
C GLY A 378 -46.25 14.73 7.34
N ASN A 379 -46.13 13.74 6.47
CA ASN A 379 -45.40 12.51 6.84
C ASN A 379 -43.93 12.77 7.09
N LEU A 380 -43.38 13.88 6.59
CA LEU A 380 -41.98 14.21 6.83
C LEU A 380 -41.66 14.33 8.31
N ALA A 381 -42.67 14.58 9.16
CA ALA A 381 -42.42 14.72 10.59
C ALA A 381 -41.78 13.47 11.16
N SER A 382 -42.07 12.30 10.60
CA SER A 382 -41.45 11.07 11.04
C SER A 382 -40.08 10.86 10.40
N GLY A 383 -39.64 11.79 9.55
CA GLY A 383 -38.30 11.76 9.01
C GLY A 383 -37.29 12.37 9.97
N TYR A 384 -36.04 12.45 9.49
CA TYR A 384 -34.90 12.89 10.30
C TYR A 384 -34.27 14.12 9.65
N TYR A 385 -34.71 15.31 10.05
CA TYR A 385 -34.24 16.56 9.47
C TYR A 385 -33.69 17.49 10.55
N ILE A 386 -32.50 18.06 10.27
CA ILE A 386 -31.83 18.99 11.17
C ILE A 386 -31.52 20.27 10.40
N GLN A 387 -31.47 21.41 11.12
CA GLN A 387 -31.27 22.73 10.52
C GLN A 387 -29.81 22.94 10.14
N PRO A 388 -29.55 23.59 9.00
CA PRO A 388 -28.18 24.01 8.67
C PRO A 388 -27.61 24.94 9.73
N THR A 389 -26.47 24.54 10.29
CA THR A 389 -25.90 25.22 11.45
C THR A 389 -24.57 25.86 11.10
N LEU A 390 -24.46 27.16 11.38
CA LEU A 390 -23.20 27.89 11.33
C LEU A 390 -22.83 28.32 12.74
N LEU A 391 -21.66 27.87 13.21
CA LEU A 391 -21.19 28.11 14.57
C LEU A 391 -19.89 28.91 14.52
N LYS A 392 -19.73 29.83 15.45
CA LYS A 392 -18.49 30.58 15.60
C LYS A 392 -17.78 30.14 16.87
N GLY A 393 -16.52 29.81 16.75
CA GLY A 393 -15.73 29.37 17.89
C GLY A 393 -14.26 29.47 17.55
N HIS A 394 -13.47 28.56 18.09
CA HIS A 394 -12.04 28.51 17.80
C HIS A 394 -11.64 27.06 17.54
N ASN A 395 -10.53 26.90 16.81
CA ASN A 395 -10.12 25.60 16.30
C ASN A 395 -9.96 24.57 17.42
N GLY A 396 -9.64 25.01 18.64
CA GLY A 396 -9.43 24.12 19.76
C GLY A 396 -10.68 23.50 20.37
N MET A 397 -11.88 23.85 19.90
CA MET A 397 -13.08 23.24 20.45
C MET A 397 -13.25 21.81 19.93
N ARG A 398 -14.11 21.05 20.62
CA ARG A 398 -14.38 19.68 20.21
C ARG A 398 -15.14 19.63 18.88
N VAL A 399 -16.07 20.57 18.67
CA VAL A 399 -16.85 20.53 17.44
C VAL A 399 -16.00 20.93 16.25
N PHE A 400 -14.92 21.67 16.48
CA PHE A 400 -13.96 22.00 15.42
C PHE A 400 -12.94 20.89 15.19
N GLN A 401 -12.84 19.91 16.08
CA GLN A 401 -11.84 18.86 15.98
C GLN A 401 -12.42 17.52 15.54
N GLU A 402 -13.59 17.14 16.05
CA GLU A 402 -14.14 15.81 15.83
C GLU A 402 -15.17 15.84 14.72
N GLU A 403 -15.21 14.74 13.97
CA GLU A 403 -16.14 14.63 12.84
C GLU A 403 -17.57 14.53 13.35
N ILE A 404 -18.40 15.49 12.97
CA ILE A 404 -19.83 15.44 13.26
C ILE A 404 -20.57 14.65 12.21
N PHE A 405 -20.17 14.82 10.94
CA PHE A 405 -20.79 14.14 9.81
C PHE A 405 -22.24 14.57 9.66
N GLY A 406 -22.46 15.88 9.69
CA GLY A 406 -23.77 16.47 9.58
C GLY A 406 -23.72 17.90 9.09
N PRO A 407 -24.89 18.55 9.03
CA PRO A 407 -24.97 19.92 8.47
C PRO A 407 -24.48 20.97 9.45
N VAL A 408 -23.19 20.88 9.80
CA VAL A 408 -22.59 21.69 10.85
C VAL A 408 -21.26 22.23 10.36
N VAL A 409 -21.10 23.55 10.36
CA VAL A 409 -19.87 24.21 9.97
C VAL A 409 -19.38 25.06 11.13
N GLY A 410 -18.12 24.85 11.52
CA GLY A 410 -17.44 25.78 12.41
C GLY A 410 -16.79 26.87 11.59
N VAL A 411 -16.94 28.11 12.06
CA VAL A 411 -16.34 29.27 11.41
C VAL A 411 -15.35 29.89 12.39
N THR A 412 -14.16 30.21 11.89
CA THR A 412 -13.13 30.87 12.68
C THR A 412 -12.41 31.90 11.82
N THR A 413 -11.71 32.81 12.49
CA THR A 413 -10.96 33.85 11.82
C THR A 413 -9.46 33.65 12.01
N PHE A 414 -8.68 34.21 11.08
CA PHE A 414 -7.23 34.21 11.16
C PHE A 414 -6.70 35.57 10.74
N LYS A 415 -5.46 35.85 11.13
CA LYS A 415 -4.83 37.13 10.83
C LYS A 415 -4.09 37.09 9.50
N ASP A 416 -3.24 36.09 9.30
CA ASP A 416 -2.34 36.04 8.15
C ASP A 416 -2.26 34.61 7.62
N GLU A 417 -1.52 34.47 6.52
CA GLU A 417 -1.38 33.17 5.85
C GLU A 417 -0.81 32.12 6.80
N ALA A 418 0.29 32.46 7.49
CA ALA A 418 0.93 31.50 8.39
C ALA A 418 -0.06 30.96 9.42
N GLU A 419 -0.91 31.82 9.96
CA GLU A 419 -1.93 31.35 10.90
C GLU A 419 -2.99 30.53 10.18
N ALA A 420 -3.35 30.90 8.95
CA ALA A 420 -4.32 30.14 8.18
C ALA A 420 -3.84 28.71 7.95
N LEU A 421 -2.57 28.54 7.54
CA LEU A 421 -2.04 27.20 7.33
C LEU A 421 -1.93 26.43 8.64
N ALA A 422 -1.53 27.10 9.71
CA ALA A 422 -1.38 26.42 11.00
C ALA A 422 -2.71 25.91 11.51
N ILE A 423 -3.77 26.70 11.37
CA ILE A 423 -5.10 26.24 11.79
C ILE A 423 -5.59 25.15 10.86
N ALA A 424 -5.23 25.23 9.57
CA ALA A 424 -5.67 24.24 8.60
C ALA A 424 -5.11 22.86 8.94
N ASN A 425 -3.87 22.80 9.41
CA ASN A 425 -3.20 21.55 9.68
C ASN A 425 -3.38 21.08 11.12
N ASP A 426 -4.02 21.88 11.97
CA ASP A 426 -4.30 21.47 13.36
C ASP A 426 -5.54 20.58 13.39
N THR A 427 -5.42 19.43 12.71
CA THR A 427 -6.44 18.41 12.72
C THR A 427 -5.76 17.06 12.61
N GLU A 428 -6.44 16.02 13.10
CA GLU A 428 -5.93 14.67 12.95
C GLU A 428 -6.25 14.08 11.59
N TYR A 429 -7.10 14.74 10.81
CA TYR A 429 -7.53 14.26 9.51
C TYR A 429 -6.71 14.93 8.41
N GLY A 430 -6.97 14.51 7.17
CA GLY A 430 -6.25 15.03 6.02
C GLY A 430 -6.85 14.56 4.72
N LEU A 431 -8.18 14.60 4.63
CA LEU A 431 -8.90 14.09 3.48
C LEU A 431 -9.09 15.14 2.39
N GLY A 432 -9.65 16.30 2.75
CA GLY A 432 -9.94 17.33 1.78
C GLY A 432 -9.65 18.71 2.35
N ALA A 433 -9.62 19.69 1.45
CA ALA A 433 -9.42 21.07 1.85
C ALA A 433 -9.88 21.99 0.73
N GLY A 434 -10.28 23.21 1.11
CA GLY A 434 -10.63 24.24 0.16
C GLY A 434 -9.73 25.45 0.31
N LEU A 435 -9.54 26.19 -0.78
CA LEU A 435 -8.63 27.32 -0.79
C LEU A 435 -9.16 28.37 -1.75
N TRP A 436 -9.44 29.57 -1.25
CA TRP A 436 -10.04 30.65 -2.02
C TRP A 436 -9.14 31.87 -2.00
N THR A 437 -8.46 32.13 -3.11
CA THR A 437 -7.62 33.31 -3.27
C THR A 437 -7.31 33.50 -4.75
N ARG A 438 -7.02 34.74 -5.13
CA ARG A 438 -6.69 35.06 -6.51
C ARG A 438 -5.21 35.27 -6.74
N ASP A 439 -4.40 35.41 -5.69
CA ASP A 439 -2.95 35.48 -5.84
C ASP A 439 -2.44 34.11 -6.28
N ILE A 440 -1.89 34.04 -7.48
CA ILE A 440 -1.42 32.77 -8.03
C ILE A 440 -0.37 32.13 -7.14
N ASN A 441 0.50 32.96 -6.53
CA ASN A 441 1.54 32.38 -5.67
C ASN A 441 0.98 31.91 -4.34
N ARG A 442 0.07 32.68 -3.75
CA ARG A 442 -0.56 32.24 -2.51
C ARG A 442 -1.31 30.93 -2.71
N ALA A 443 -2.04 30.82 -3.83
CA ALA A 443 -2.75 29.58 -4.14
C ALA A 443 -1.80 28.39 -4.16
N TYR A 444 -0.60 28.56 -4.72
CA TYR A 444 0.33 27.44 -4.81
C TYR A 444 0.91 27.09 -3.44
N ARG A 445 1.35 28.10 -2.68
CA ARG A 445 1.94 27.85 -1.38
C ARG A 445 0.98 27.08 -0.47
N MET A 446 -0.15 27.69 -0.14
CA MET A 446 -1.16 26.99 0.65
C MET A 446 -1.54 25.66 0.03
N GLY A 447 -1.66 25.63 -1.30
CA GLY A 447 -2.02 24.40 -1.98
C GLY A 447 -1.09 23.26 -1.62
N ARG A 448 0.21 23.52 -1.60
CA ARG A 448 1.19 22.53 -1.15
C ARG A 448 1.40 22.55 0.35
N GLY A 449 1.03 23.64 1.02
CA GLY A 449 1.19 23.74 2.45
C GLY A 449 0.17 22.91 3.21
N ILE A 450 -1.08 22.87 2.72
CA ILE A 450 -2.11 22.08 3.38
C ILE A 450 -1.75 20.60 3.27
N LYS A 451 -1.93 19.87 4.37
CA LYS A 451 -1.63 18.43 4.38
C LYS A 451 -2.93 17.64 4.27
N ALA A 452 -3.54 17.76 3.09
CA ALA A 452 -4.72 17.00 2.71
C ALA A 452 -4.51 16.41 1.33
N GLY A 453 -5.16 15.28 1.07
CA GLY A 453 -5.00 14.62 -0.22
C GLY A 453 -5.56 15.45 -1.36
N ARG A 454 -6.65 16.15 -1.13
CA ARG A 454 -7.25 17.02 -2.13
C ARG A 454 -7.40 18.42 -1.56
N VAL A 455 -6.96 19.41 -2.32
CA VAL A 455 -7.20 20.82 -2.02
C VAL A 455 -7.98 21.39 -3.20
N TRP A 456 -9.29 21.57 -3.03
CA TRP A 456 -10.05 22.32 -4.02
C TRP A 456 -9.63 23.78 -3.97
N THR A 457 -9.28 24.35 -5.11
CA THR A 457 -8.89 25.75 -5.20
C THR A 457 -9.96 26.50 -5.98
N ASN A 458 -10.55 27.50 -5.33
CA ASN A 458 -11.61 28.31 -5.91
C ASN A 458 -12.76 27.46 -6.44
N CYS A 459 -13.06 26.39 -5.71
CA CYS A 459 -14.23 25.54 -5.96
C CYS A 459 -14.44 24.66 -4.73
N TYR A 460 -15.43 23.79 -4.81
CA TYR A 460 -15.59 22.76 -3.78
C TYR A 460 -16.56 21.69 -4.23
N HIS A 461 -16.36 20.49 -3.68
CA HIS A 461 -17.27 19.35 -3.83
C HIS A 461 -17.35 18.89 -5.29
N LEU A 462 -16.25 19.04 -6.01
CA LEU A 462 -16.10 18.40 -7.32
C LEU A 462 -15.42 17.06 -7.11
N TYR A 463 -16.10 15.98 -7.51
CA TYR A 463 -15.51 14.66 -7.37
C TYR A 463 -15.40 13.98 -8.73
N PRO A 464 -14.76 14.60 -9.71
CA PRO A 464 -14.68 13.98 -11.03
C PRO A 464 -13.78 12.76 -11.00
N ALA A 465 -14.07 11.81 -11.89
CA ALA A 465 -13.06 10.82 -12.20
C ALA A 465 -11.82 11.52 -12.74
N HIS A 466 -10.69 10.82 -12.69
CA HIS A 466 -9.40 11.27 -13.21
C HIS A 466 -8.77 12.31 -12.28
N ALA A 467 -9.15 12.31 -11.01
CA ALA A 467 -8.52 13.14 -9.99
C ALA A 467 -8.36 12.29 -8.74
N ALA A 468 -7.13 12.15 -8.27
CA ALA A 468 -6.84 11.27 -7.16
C ALA A 468 -7.52 11.74 -5.89
N PHE A 469 -8.24 10.83 -5.23
CA PHE A 469 -8.95 11.10 -3.99
C PHE A 469 -8.46 10.13 -2.93
N GLY A 470 -7.84 10.65 -1.89
CA GLY A 470 -7.33 9.84 -0.79
C GLY A 470 -6.84 10.74 0.32
N GLY A 471 -6.55 10.11 1.46
CA GLY A 471 -6.28 10.85 2.68
C GLY A 471 -4.82 10.94 3.08
N TYR A 472 -4.49 12.04 3.74
CA TYR A 472 -3.29 12.13 4.56
C TYR A 472 -3.62 11.70 5.98
N LYS A 473 -2.59 11.60 6.81
CA LYS A 473 -2.73 11.36 8.26
C LYS A 473 -3.74 10.27 8.57
N LYS A 474 -4.61 10.51 9.53
CA LYS A 474 -5.65 9.55 9.91
C LYS A 474 -6.86 9.53 8.97
N SER A 475 -6.76 10.16 7.80
CA SER A 475 -7.86 10.14 6.84
C SER A 475 -7.82 8.92 5.92
N GLY A 476 -6.71 8.20 5.86
CA GLY A 476 -6.69 6.94 5.15
C GLY A 476 -5.42 6.61 4.40
N VAL A 477 -5.44 5.50 3.68
CA VAL A 477 -4.31 5.03 2.89
C VAL A 477 -4.84 4.64 1.52
N GLY A 478 -4.18 5.11 0.46
CA GLY A 478 -4.62 4.82 -0.89
C GLY A 478 -5.38 5.98 -1.51
N ARG A 479 -5.57 5.88 -2.83
CA ARG A 479 -6.28 6.89 -3.61
C ARG A 479 -7.43 6.25 -4.35
N GLU A 480 -8.49 7.03 -4.59
CA GLU A 480 -9.63 6.57 -5.37
C GLU A 480 -9.92 7.56 -6.51
N THR A 481 -10.93 7.20 -7.31
CA THR A 481 -11.42 8.01 -8.43
C THR A 481 -10.31 8.41 -9.42
N HIS A 482 -9.29 7.57 -9.55
CA HIS A 482 -8.21 7.85 -10.48
C HIS A 482 -7.62 6.52 -10.96
N LYS A 483 -6.99 6.55 -12.13
CA LYS A 483 -6.47 5.32 -12.73
C LYS A 483 -5.35 4.68 -11.91
N MET A 484 -4.66 5.45 -11.07
CA MET A 484 -3.60 4.86 -10.24
C MET A 484 -4.12 3.79 -9.27
N MET A 485 -5.44 3.67 -9.11
N MET A 485 -5.44 3.68 -9.08
CA MET A 485 -5.99 2.68 -8.20
CA MET A 485 -5.97 2.65 -8.20
C MET A 485 -5.83 1.26 -8.75
C MET A 485 -5.68 1.27 -8.75
N LEU A 486 -5.72 1.12 -10.08
CA LEU A 486 -5.60 -0.21 -10.69
C LEU A 486 -4.46 -1.02 -10.09
N ASP A 487 -3.37 -0.35 -9.72
CA ASP A 487 -2.27 -1.04 -9.05
C ASP A 487 -2.64 -1.53 -7.65
N HIS A 488 -3.74 -1.04 -7.08
CA HIS A 488 -4.22 -1.59 -5.80
C HIS A 488 -5.03 -2.86 -6.01
N TYR A 489 -5.60 -3.05 -7.20
CA TYR A 489 -6.42 -4.21 -7.51
C TYR A 489 -5.71 -5.16 -8.46
N GLN A 490 -4.40 -5.04 -8.55
CA GLN A 490 -3.57 -5.90 -9.38
C GLN A 490 -2.27 -6.15 -8.64
N GLN A 491 -1.58 -7.20 -9.03
CA GLN A 491 -0.24 -7.45 -8.54
C GLN A 491 0.72 -7.46 -9.73
N THR A 492 1.94 -6.97 -9.49
CA THR A 492 2.94 -6.87 -10.53
C THR A 492 3.72 -8.18 -10.58
N LYS A 493 3.63 -8.89 -11.70
CA LYS A 493 4.46 -10.07 -11.93
C LYS A 493 5.67 -9.67 -12.76
N ASN A 494 6.84 -9.78 -12.16
CA ASN A 494 8.10 -9.53 -12.86
C ASN A 494 8.62 -10.83 -13.43
N LEU A 495 8.67 -10.92 -14.75
CA LEU A 495 9.38 -11.99 -15.45
C LEU A 495 10.76 -11.46 -15.83
N LEU A 496 11.80 -11.94 -15.15
CA LEU A 496 13.18 -11.59 -15.48
C LEU A 496 13.75 -12.72 -16.32
N VAL A 497 13.92 -12.46 -17.62
CA VAL A 497 14.26 -13.48 -18.60
C VAL A 497 15.67 -13.22 -19.12
N SER A 498 16.53 -14.23 -19.03
CA SER A 498 17.85 -14.21 -19.64
C SER A 498 17.82 -15.01 -20.93
N TYR A 499 18.39 -14.44 -21.99
CA TYR A 499 18.47 -15.12 -23.28
C TYR A 499 19.88 -15.63 -23.56
N ASP A 500 20.79 -15.50 -22.61
CA ASP A 500 22.13 -16.05 -22.73
C ASP A 500 22.15 -17.47 -22.20
N ILE A 501 22.77 -18.37 -22.96
CA ILE A 501 22.92 -19.75 -22.52
C ILE A 501 24.26 -19.79 -21.81
N ASN A 502 24.74 -20.98 -21.45
CA ASN A 502 26.02 -21.22 -20.77
C ASN A 502 26.07 -20.58 -19.39
N PRO A 503 26.93 -21.04 -18.49
CA PRO A 503 26.91 -20.54 -17.11
C PRO A 503 27.69 -19.25 -16.93
N LEU A 504 27.36 -18.56 -15.83
CA LEU A 504 27.91 -17.26 -15.50
C LEU A 504 29.15 -17.34 -14.59
N GLY A 505 29.79 -18.51 -14.51
CA GLY A 505 31.05 -18.65 -13.80
C GLY A 505 30.97 -18.83 -12.30
N PHE A 506 29.87 -18.44 -11.66
CA PHE A 506 29.69 -18.78 -10.26
C PHE A 506 29.58 -20.30 -10.10
N PHE A 507 29.74 -20.76 -8.86
CA PHE A 507 29.40 -22.14 -8.42
C PHE A 507 29.72 -23.28 -9.40
N SER B 1 42.50 -15.15 -7.96
CA SER B 1 42.47 -14.79 -6.54
C SER B 1 43.24 -13.56 -6.08
N MET B 2 42.92 -13.42 -4.81
CA MET B 2 43.41 -12.48 -3.84
C MET B 2 42.92 -12.91 -2.46
N ILE B 3 43.83 -13.02 -1.49
CA ILE B 3 43.51 -13.40 -0.12
C ILE B 3 43.75 -12.15 0.71
N TYR B 4 42.67 -11.41 0.98
CA TYR B 4 42.76 -10.21 1.81
C TYR B 4 43.19 -10.58 3.23
N ALA B 5 44.14 -9.82 3.76
CA ALA B 5 44.56 -10.04 5.13
C ALA B 5 43.40 -9.71 6.08
N ALA B 6 43.35 -10.43 7.20
CA ALA B 6 42.27 -10.23 8.15
C ALA B 6 42.26 -8.78 8.61
N PRO B 7 41.08 -8.19 8.84
CA PRO B 7 41.02 -6.76 9.20
C PRO B 7 41.84 -6.48 10.46
N GLY B 8 42.55 -5.36 10.43
CA GLY B 8 43.38 -4.95 11.55
C GLY B 8 44.69 -5.67 11.71
N THR B 9 45.13 -6.41 10.71
CA THR B 9 46.42 -7.08 10.68
C THR B 9 47.34 -6.42 9.65
N PRO B 10 48.65 -6.71 9.69
CA PRO B 10 49.55 -6.10 8.71
C PRO B 10 49.09 -6.38 7.29
N GLY B 11 48.90 -5.32 6.51
CA GLY B 11 48.38 -5.41 5.17
C GLY B 11 46.88 -5.36 5.05
N ALA B 12 46.15 -5.30 6.17
CA ALA B 12 44.71 -5.18 6.12
C ALA B 12 44.29 -3.84 5.53
N VAL B 13 43.19 -3.85 4.78
CA VAL B 13 42.68 -2.62 4.17
C VAL B 13 41.89 -1.77 5.15
N VAL B 14 41.45 -2.32 6.27
CA VAL B 14 40.61 -1.58 7.21
C VAL B 14 40.84 -2.13 8.61
N THR B 15 40.79 -1.24 9.60
CA THR B 15 40.85 -1.61 11.00
C THR B 15 39.71 -0.90 11.71
N PHE B 16 38.80 -1.68 12.31
CA PHE B 16 37.59 -1.13 12.87
C PHE B 16 37.85 -0.52 14.24
N LYS B 17 37.03 0.47 14.59
CA LYS B 17 37.14 1.08 15.90
C LYS B 17 36.72 0.08 16.97
N PRO B 18 37.26 0.20 18.18
CA PRO B 18 36.81 -0.69 19.27
C PRO B 18 35.38 -0.42 19.68
N ARG B 19 34.86 0.78 19.45
CA ARG B 19 33.52 1.13 19.87
C ARG B 19 32.92 2.13 18.88
N TYR B 20 31.67 1.88 18.50
CA TYR B 20 30.93 2.75 17.61
C TYR B 20 29.69 3.27 18.32
N GLY B 21 29.31 4.50 18.03
CA GLY B 21 28.08 5.08 18.54
C GLY B 21 26.96 5.04 17.53
N ASN B 22 25.85 5.66 17.90
CA ASN B 22 24.81 5.92 16.91
C ASN B 22 25.19 7.13 16.08
N TYR B 23 24.51 7.30 14.96
CA TYR B 23 24.71 8.47 14.10
C TYR B 23 23.41 9.27 14.12
N ILE B 24 23.46 10.45 14.74
CA ILE B 24 22.28 11.28 14.92
C ILE B 24 22.67 12.72 14.57
N GLY B 25 21.84 13.38 13.78
CA GLY B 25 22.07 14.79 13.48
C GLY B 25 23.44 15.09 12.93
N GLY B 26 23.97 14.20 12.08
CA GLY B 26 25.27 14.42 11.48
C GLY B 26 26.46 14.08 12.36
N GLU B 27 26.24 13.47 13.53
CA GLU B 27 27.33 13.16 14.45
C GLU B 27 27.20 11.73 14.96
N PHE B 28 28.34 11.15 15.32
CA PHE B 28 28.38 9.89 16.06
C PHE B 28 28.34 10.20 17.55
N VAL B 29 27.30 9.74 18.23
CA VAL B 29 27.09 10.06 19.64
C VAL B 29 26.84 8.78 20.44
N PRO B 30 27.16 8.75 21.73
CA PRO B 30 26.87 7.57 22.56
C PRO B 30 25.38 7.43 22.79
N PRO B 31 24.92 6.24 23.20
CA PRO B 31 23.51 6.10 23.58
C PRO B 31 23.18 6.86 24.85
N VAL B 32 21.90 7.18 25.00
CA VAL B 32 21.45 7.98 26.14
C VAL B 32 21.73 7.25 27.45
N LYS B 33 21.49 5.95 27.49
CA LYS B 33 21.69 5.14 28.69
C LYS B 33 23.07 4.50 28.74
N GLY B 34 23.94 4.80 27.79
CA GLY B 34 25.32 4.34 27.83
C GLY B 34 25.50 2.84 27.78
N GLN B 35 24.54 2.11 27.22
CA GLN B 35 24.56 0.65 27.21
C GLN B 35 25.07 0.14 25.87
N TYR B 36 25.90 -0.90 25.91
CA TYR B 36 26.54 -1.45 24.72
C TYR B 36 26.38 -2.96 24.66
N PHE B 37 26.33 -3.47 23.43
CA PHE B 37 26.45 -4.89 23.15
C PHE B 37 27.72 -5.18 22.35
N THR B 38 28.24 -6.40 22.50
CA THR B 38 29.44 -6.83 21.78
C THR B 38 29.04 -7.57 20.50
N ASN B 39 29.65 -7.18 19.39
CA ASN B 39 29.46 -7.89 18.13
C ASN B 39 30.68 -8.75 17.79
N THR B 40 30.41 -9.90 17.17
CA THR B 40 31.44 -10.86 16.82
C THR B 40 31.35 -11.20 15.34
N SER B 41 32.50 -11.50 14.75
CA SER B 41 32.55 -11.90 13.35
C SER B 41 32.12 -13.36 13.22
N PRO B 42 31.16 -13.67 12.35
CA PRO B 42 30.83 -15.09 12.08
C PRO B 42 31.92 -15.81 11.31
N VAL B 43 32.89 -15.09 10.75
CA VAL B 43 33.99 -15.75 10.07
C VAL B 43 34.80 -16.60 11.04
N ASN B 44 34.94 -16.14 12.29
CA ASN B 44 35.73 -16.88 13.26
C ASN B 44 35.29 -16.68 14.70
N GLY B 45 34.20 -15.96 14.97
CA GLY B 45 33.74 -15.75 16.33
C GLY B 45 34.55 -14.79 17.16
N GLN B 46 35.59 -14.17 16.61
CA GLN B 46 36.44 -13.26 17.37
C GLN B 46 35.79 -11.88 17.48
N PRO B 47 36.05 -11.16 18.57
CA PRO B 47 35.35 -9.88 18.79
C PRO B 47 35.67 -8.87 17.70
N ILE B 48 34.69 -8.01 17.40
CA ILE B 48 34.87 -6.95 16.43
C ILE B 48 34.89 -5.61 17.17
N ALA B 49 33.74 -5.22 17.70
CA ALA B 49 33.59 -3.95 18.40
C ALA B 49 32.29 -3.99 19.18
N GLU B 50 32.09 -2.97 20.00
CA GLU B 50 30.82 -2.78 20.68
C GLU B 50 29.99 -1.70 20.00
N PHE B 51 28.67 -1.85 20.09
CA PHE B 51 27.70 -0.98 19.47
C PHE B 51 26.60 -0.69 20.48
N PRO B 52 25.94 0.46 20.40
CA PRO B 52 24.97 0.84 21.44
C PRO B 52 23.79 -0.13 21.50
N ARG B 53 23.44 -0.53 22.72
CA ARG B 53 22.17 -1.18 23.00
C ARG B 53 21.13 -0.09 23.23
N SER B 54 20.82 0.62 22.16
CA SER B 54 20.02 1.83 22.28
C SER B 54 18.61 1.50 22.73
N THR B 55 18.02 2.44 23.45
CA THR B 55 16.68 2.35 23.97
C THR B 55 15.82 3.42 23.31
N ALA B 56 14.52 3.39 23.62
CA ALA B 56 13.57 4.34 23.03
C ALA B 56 14.03 5.79 23.16
N GLU B 57 14.87 6.11 24.15
CA GLU B 57 15.36 7.47 24.29
C GLU B 57 16.30 7.85 23.15
N ASP B 58 16.96 6.86 22.53
CA ASP B 58 17.82 7.16 21.38
C ASP B 58 17.04 7.33 20.09
N ILE B 59 15.94 6.58 19.93
CA ILE B 59 15.07 6.77 18.77
C ILE B 59 14.56 8.20 18.74
N ASP B 60 14.21 8.74 19.90
CA ASP B 60 13.61 10.07 19.97
C ASP B 60 14.63 11.18 19.71
N LYS B 61 15.90 10.94 20.05
CA LYS B 61 16.93 11.89 19.65
C LYS B 61 17.05 11.94 18.14
N ALA B 62 17.03 10.78 17.48
CA ALA B 62 17.08 10.74 16.03
C ALA B 62 15.81 11.31 15.41
N LEU B 63 14.65 11.01 16.02
CA LEU B 63 13.40 11.59 15.52
C LEU B 63 13.38 13.10 15.69
N ASP B 64 13.98 13.61 16.78
CA ASP B 64 14.15 15.06 16.90
C ASP B 64 15.07 15.59 15.81
N ALA B 65 16.15 14.86 15.52
CA ALA B 65 17.07 15.29 14.48
C ALA B 65 16.42 15.22 13.10
N ALA B 66 15.72 14.11 12.81
CA ALA B 66 15.07 13.97 11.51
C ALA B 66 14.01 15.04 11.27
N HIS B 67 13.15 15.28 12.27
CA HIS B 67 12.03 16.21 12.09
C HIS B 67 12.52 17.64 11.88
N ALA B 68 13.56 18.05 12.62
CA ALA B 68 14.07 19.42 12.48
C ALA B 68 14.49 19.72 11.04
N ALA B 69 15.11 18.75 10.38
CA ALA B 69 15.61 18.92 9.01
C ALA B 69 14.58 18.56 7.95
N ALA B 70 13.39 18.08 8.34
CA ALA B 70 12.45 17.55 7.36
C ALA B 70 12.00 18.61 6.36
N GLU B 71 11.71 19.82 6.85
CA GLU B 71 11.15 20.85 5.97
C GLU B 71 12.16 21.27 4.90
N ALA B 72 13.41 21.50 5.29
CA ALA B 72 14.42 21.92 4.32
C ALA B 72 14.80 20.80 3.37
N TRP B 73 14.87 19.56 3.86
CA TRP B 73 15.28 18.45 3.01
C TRP B 73 14.25 18.16 1.94
N GLY B 74 12.98 18.01 2.33
CA GLY B 74 11.92 17.81 1.36
C GLY B 74 11.83 18.92 0.34
N ARG B 75 12.35 20.10 0.69
CA ARG B 75 12.36 21.24 -0.21
C ARG B 75 13.56 21.28 -1.14
N THR B 76 14.63 20.57 -0.81
CA THR B 76 15.79 20.52 -1.69
C THR B 76 15.37 20.04 -3.07
N SER B 77 15.90 20.67 -4.11
CA SER B 77 15.44 20.43 -5.46
C SER B 77 15.76 19.00 -5.90
N VAL B 78 14.97 18.52 -6.86
CA VAL B 78 15.20 17.20 -7.46
C VAL B 78 16.65 17.04 -7.89
N GLN B 79 17.17 18.05 -8.61
CA GLN B 79 18.54 18.00 -9.09
C GLN B 79 19.53 17.82 -7.95
N GLU B 80 19.34 18.57 -6.85
CA GLU B 80 20.33 18.56 -5.78
C GLU B 80 20.31 17.25 -5.00
N ARG B 81 19.13 16.74 -4.67
CA ARG B 81 19.05 15.45 -3.99
C ARG B 81 19.65 14.34 -4.86
N SER B 82 19.31 14.33 -6.15
CA SER B 82 19.87 13.38 -7.09
C SER B 82 21.39 13.42 -7.09
N ASN B 83 21.96 14.62 -7.30
CA ASN B 83 23.41 14.76 -7.31
C ASN B 83 24.04 14.19 -6.04
N ILE B 84 23.35 14.35 -4.90
CA ILE B 84 23.86 13.83 -3.63
C ILE B 84 23.91 12.30 -3.68
N LEU B 85 22.88 11.67 -4.24
CA LEU B 85 22.90 10.21 -4.35
C LEU B 85 23.95 9.76 -5.36
N LEU B 86 24.23 10.57 -6.38
CA LEU B 86 25.34 10.27 -7.28
C LEU B 86 26.67 10.33 -6.55
N LYS B 87 26.83 11.30 -5.64
CA LYS B 87 28.07 11.42 -4.88
C LYS B 87 28.23 10.24 -3.92
N ILE B 88 27.13 9.77 -3.35
CA ILE B 88 27.19 8.60 -2.48
C ILE B 88 27.63 7.37 -3.27
N ALA B 89 27.08 7.20 -4.48
CA ALA B 89 27.45 6.07 -5.32
C ALA B 89 28.96 6.05 -5.60
N ASP B 90 29.50 7.18 -6.05
CA ASP B 90 30.95 7.26 -6.29
C ASP B 90 31.75 6.89 -5.05
N ARG B 91 31.37 7.45 -3.89
CA ARG B 91 32.02 7.10 -2.64
C ARG B 91 31.99 5.60 -2.38
N ILE B 92 30.90 4.95 -2.79
CA ILE B 92 30.79 3.51 -2.61
C ILE B 92 31.76 2.78 -3.54
N GLU B 93 31.83 3.21 -4.82
CA GLU B 93 32.78 2.60 -5.75
C GLU B 93 34.22 2.76 -5.28
N GLN B 94 34.59 3.98 -4.88
CA GLN B 94 35.98 4.26 -4.52
C GLN B 94 36.49 3.38 -3.39
N ASN B 95 35.59 2.92 -2.53
CA ASN B 95 35.95 2.11 -1.36
C ASN B 95 35.43 0.68 -1.49
N LEU B 96 35.49 0.12 -2.70
CA LEU B 96 34.89 -1.18 -2.95
C LEU B 96 35.54 -2.27 -2.10
N GLU B 97 36.87 -2.28 -2.01
CA GLU B 97 37.54 -3.33 -1.25
C GLU B 97 37.31 -3.15 0.24
N LEU B 98 37.37 -1.91 0.74
CA LEU B 98 37.11 -1.66 2.15
C LEU B 98 35.70 -2.07 2.53
N LEU B 99 34.71 -1.71 1.71
CA LEU B 99 33.32 -2.03 2.04
C LEU B 99 33.08 -3.53 1.97
N ALA B 100 33.60 -4.20 0.95
CA ALA B 100 33.39 -5.64 0.79
C ALA B 100 34.06 -6.43 1.91
N VAL B 101 35.27 -6.02 2.32
CA VAL B 101 35.97 -6.72 3.39
C VAL B 101 35.24 -6.52 4.72
N THR B 102 34.67 -5.33 4.93
CA THR B 102 33.89 -5.09 6.14
C THR B 102 32.63 -5.95 6.16
N GLU B 103 31.88 -5.94 5.06
CA GLU B 103 30.67 -6.76 4.95
C GLU B 103 30.97 -8.23 5.20
N THR B 104 31.98 -8.76 4.50
CA THR B 104 32.32 -10.17 4.61
C THR B 104 32.68 -10.53 6.05
N TRP B 105 33.46 -9.70 6.73
CA TRP B 105 33.80 -9.97 8.11
C TRP B 105 32.57 -9.86 9.02
N ASP B 106 31.72 -8.87 8.78
CA ASP B 106 30.53 -8.68 9.60
C ASP B 106 29.48 -9.75 9.32
N ASN B 107 29.23 -10.03 8.04
CA ASN B 107 28.17 -10.97 7.68
C ASN B 107 28.65 -12.41 7.58
N GLY B 108 29.88 -12.64 7.14
CA GLY B 108 30.43 -13.97 7.01
C GLY B 108 30.45 -14.51 5.59
N LYS B 109 29.67 -13.91 4.68
CA LYS B 109 29.58 -14.40 3.32
C LYS B 109 30.92 -14.28 2.60
N ALA B 110 31.06 -15.08 1.54
CA ALA B 110 32.28 -15.08 0.74
C ALA B 110 32.57 -13.68 0.21
N VAL B 111 33.84 -13.31 0.17
CA VAL B 111 34.22 -11.97 -0.25
C VAL B 111 33.89 -11.75 -1.73
N ARG B 112 34.03 -12.78 -2.56
CA ARG B 112 33.75 -12.63 -3.99
C ARG B 112 32.30 -12.22 -4.27
N GLU B 113 31.38 -12.48 -3.33
CA GLU B 113 30.02 -11.98 -3.49
C GLU B 113 29.92 -10.49 -3.15
N THR B 114 30.62 -10.05 -2.10
CA THR B 114 30.58 -8.64 -1.74
C THR B 114 31.26 -7.76 -2.79
N LEU B 115 32.33 -8.27 -3.41
CA LEU B 115 33.03 -7.48 -4.42
C LEU B 115 32.22 -7.36 -5.71
N ASN B 116 31.58 -8.44 -6.13
CA ASN B 116 30.96 -8.51 -7.44
C ASN B 116 29.46 -8.30 -7.43
N ALA B 117 28.80 -8.41 -6.27
CA ALA B 117 27.35 -8.21 -6.18
C ALA B 117 27.00 -7.12 -5.20
N ASP B 118 27.21 -7.32 -3.89
CA ASP B 118 26.59 -6.46 -2.89
C ASP B 118 27.00 -5.00 -3.07
N ILE B 119 28.30 -4.73 -3.06
CA ILE B 119 28.80 -3.35 -3.12
C ILE B 119 28.52 -2.72 -4.48
N PRO B 120 28.80 -3.38 -5.62
CA PRO B 120 28.46 -2.74 -6.90
C PRO B 120 26.97 -2.50 -7.06
N LEU B 121 26.15 -3.47 -6.66
CA LEU B 121 24.70 -3.27 -6.72
C LEU B 121 24.27 -2.14 -5.79
N ALA B 122 24.94 -1.99 -4.65
CA ALA B 122 24.61 -0.91 -3.72
C ALA B 122 24.88 0.45 -4.34
N ALA B 123 26.05 0.62 -4.95
CA ALA B 123 26.36 1.87 -5.65
C ALA B 123 25.33 2.14 -6.74
N ASP B 124 24.99 1.12 -7.53
CA ASP B 124 24.05 1.32 -8.64
C ASP B 124 22.66 1.72 -8.14
N HIS B 125 22.23 1.16 -7.01
CA HIS B 125 20.91 1.51 -6.48
C HIS B 125 20.82 3.00 -6.19
N PHE B 126 21.91 3.61 -5.72
CA PHE B 126 21.92 5.06 -5.55
C PHE B 126 21.93 5.76 -6.90
N ARG B 127 22.72 5.23 -7.84
CA ARG B 127 22.70 5.72 -9.21
C ARG B 127 21.32 5.61 -9.82
N TYR B 128 20.64 4.49 -9.59
CA TYR B 128 19.36 4.24 -10.22
C TYR B 128 18.29 5.21 -9.75
N PHE B 129 18.20 5.43 -8.44
CA PHE B 129 17.13 6.27 -7.91
C PHE B 129 17.44 7.75 -8.01
N ALA B 130 18.71 8.14 -7.94
CA ALA B 130 19.09 9.49 -8.35
C ALA B 130 18.63 9.74 -9.79
N GLY B 131 18.77 8.74 -10.65
CA GLY B 131 18.32 8.89 -12.02
C GLY B 131 16.81 8.98 -12.13
N CYS B 132 16.09 8.12 -11.40
CA CYS B 132 14.63 8.09 -11.51
C CYS B 132 13.97 9.34 -10.95
N ILE B 133 14.61 10.01 -9.99
CA ILE B 133 13.99 11.21 -9.44
C ILE B 133 14.08 12.37 -10.40
N ARG B 134 15.08 12.38 -11.29
CA ARG B 134 15.13 13.42 -12.32
C ARG B 134 14.02 13.24 -13.35
N ALA B 135 13.54 12.01 -13.54
CA ALA B 135 12.52 11.71 -14.53
C ALA B 135 11.11 11.70 -13.98
N GLN B 136 10.94 11.61 -12.66
CA GLN B 136 9.61 11.51 -12.08
C GLN B 136 8.79 12.75 -12.39
N GLU B 137 7.51 12.54 -12.69
CA GLU B 137 6.58 13.61 -12.99
C GLU B 137 5.25 13.35 -12.32
N GLY B 138 4.66 14.39 -11.74
CA GLY B 138 3.27 14.35 -11.41
C GLY B 138 2.43 14.56 -12.66
N SER B 139 1.12 14.64 -12.49
CA SER B 139 0.21 14.73 -13.62
C SER B 139 -0.64 15.99 -13.57
N ALA B 140 -1.10 16.40 -14.75
CA ALA B 140 -1.99 17.55 -14.89
C ALA B 140 -2.93 17.27 -16.05
N ALA B 141 -4.23 17.13 -15.77
CA ALA B 141 -5.23 16.82 -16.78
C ALA B 141 -6.40 17.79 -16.68
N GLU B 142 -6.97 18.13 -17.84
CA GLU B 142 -8.18 18.95 -17.89
C GLU B 142 -9.40 18.08 -17.64
N ILE B 143 -10.17 18.43 -16.60
CA ILE B 143 -11.50 17.83 -16.48
C ILE B 143 -12.45 18.47 -17.47
N ASN B 144 -12.30 19.78 -17.70
CA ASN B 144 -13.02 20.50 -18.75
C ASN B 144 -12.28 21.81 -19.01
N ASP B 145 -12.93 22.72 -19.74
N ASP B 145 -12.95 22.71 -19.74
CA ASP B 145 -12.24 23.94 -20.15
CA ASP B 145 -12.34 23.97 -20.17
C ASP B 145 -11.89 24.84 -18.98
C ASP B 145 -11.93 24.86 -18.99
N SER B 146 -12.49 24.64 -17.80
CA SER B 146 -12.22 25.50 -16.66
C SER B 146 -11.91 24.72 -15.38
N THR B 147 -11.58 23.44 -15.49
CA THR B 147 -11.29 22.62 -14.32
C THR B 147 -10.07 21.75 -14.62
N VAL B 148 -9.00 21.92 -13.83
CA VAL B 148 -7.76 21.21 -14.05
C VAL B 148 -7.33 20.54 -12.76
N ALA B 149 -7.10 19.23 -12.83
CA ALA B 149 -6.56 18.47 -11.70
C ALA B 149 -5.05 18.40 -11.84
N TYR B 150 -4.35 18.74 -10.77
CA TYR B 150 -2.90 18.60 -10.70
C TYR B 150 -2.54 17.57 -9.64
N HIS B 151 -1.55 16.74 -9.94
CA HIS B 151 -1.03 15.78 -8.99
C HIS B 151 0.46 16.07 -8.80
N ILE B 152 0.84 16.36 -7.56
CA ILE B 152 2.22 16.74 -7.23
C ILE B 152 2.74 15.74 -6.21
N HIS B 153 3.87 15.10 -6.53
CA HIS B 153 4.54 14.23 -5.59
C HIS B 153 5.09 15.04 -4.42
N GLU B 154 4.80 14.60 -3.20
CA GLU B 154 5.33 15.26 -2.01
C GLU B 154 5.96 14.22 -1.08
N PRO B 155 7.11 14.52 -0.50
CA PRO B 155 7.73 13.58 0.45
C PRO B 155 6.86 13.39 1.67
N LEU B 156 6.98 12.22 2.29
CA LEU B 156 6.22 11.90 3.50
C LEU B 156 6.80 12.55 4.75
N GLY B 157 8.07 12.93 4.74
CA GLY B 157 8.69 13.53 5.90
C GLY B 157 9.73 12.63 6.55
N VAL B 158 9.37 12.01 7.67
CA VAL B 158 10.27 11.13 8.42
C VAL B 158 9.72 9.71 8.33
N VAL B 159 10.59 8.77 7.94
CA VAL B 159 10.21 7.38 7.72
C VAL B 159 11.13 6.50 8.55
N GLY B 160 10.56 5.43 9.11
CA GLY B 160 11.34 4.44 9.84
C GLY B 160 11.67 3.26 8.93
N GLN B 161 12.93 2.80 9.01
CA GLN B 161 13.39 1.70 8.19
C GLN B 161 14.20 0.73 9.05
N ILE B 162 13.90 -0.56 8.90
CA ILE B 162 14.59 -1.63 9.62
C ILE B 162 15.05 -2.64 8.59
N ILE B 163 16.36 -2.91 8.56
CA ILE B 163 16.94 -3.75 7.52
C ILE B 163 17.51 -5.02 8.16
N PRO B 164 17.54 -6.14 7.43
CA PRO B 164 18.05 -7.39 8.01
C PRO B 164 19.56 -7.56 7.87
N TRP B 165 20.06 -8.75 8.20
CA TRP B 165 21.50 -9.00 8.28
C TRP B 165 22.10 -9.67 7.04
N ASN B 166 21.30 -10.30 6.18
CA ASN B 166 21.87 -11.09 5.10
C ASN B 166 22.37 -10.25 3.93
N PHE B 167 22.01 -8.97 3.87
CA PHE B 167 22.59 -8.03 2.90
C PHE B 167 22.65 -6.66 3.55
N PRO B 168 23.45 -6.48 4.61
CA PRO B 168 23.34 -5.23 5.41
C PRO B 168 23.43 -3.95 4.62
N LEU B 169 24.49 -3.78 3.82
CA LEU B 169 24.66 -2.55 3.07
C LEU B 169 23.73 -2.50 1.86
N LEU B 170 23.56 -3.63 1.15
CA LEU B 170 22.69 -3.63 -0.01
C LEU B 170 21.23 -3.46 0.38
N MET B 171 20.81 -4.07 1.49
CA MET B 171 19.46 -3.82 1.99
C MET B 171 19.29 -2.37 2.45
N ALA B 172 20.35 -1.78 2.99
CA ALA B 172 20.32 -0.35 3.31
C ALA B 172 20.07 0.47 2.05
N ALA B 173 20.83 0.18 0.99
CA ALA B 173 20.65 0.90 -0.28
C ALA B 173 19.27 0.69 -0.86
N TRP B 174 18.73 -0.54 -0.73
CA TRP B 174 17.38 -0.81 -1.22
C TRP B 174 16.35 0.15 -0.63
N LYS B 175 16.61 0.63 0.58
CA LYS B 175 15.68 1.51 1.29
C LYS B 175 16.16 2.95 1.40
N LEU B 176 17.45 3.18 1.63
CA LEU B 176 17.92 4.56 1.74
C LEU B 176 17.78 5.30 0.43
N ALA B 177 18.12 4.67 -0.70
CA ALA B 177 18.14 5.37 -1.97
C ALA B 177 16.78 5.89 -2.41
N PRO B 178 15.69 5.11 -2.39
CA PRO B 178 14.41 5.68 -2.84
C PRO B 178 13.81 6.66 -1.85
N ALA B 179 13.93 6.40 -0.55
CA ALA B 179 13.37 7.32 0.44
C ALA B 179 14.13 8.65 0.44
N LEU B 180 15.45 8.60 0.28
CA LEU B 180 16.23 9.83 0.19
C LEU B 180 15.95 10.57 -1.11
N ALA B 181 15.91 9.84 -2.24
CA ALA B 181 15.55 10.45 -3.51
C ALA B 181 14.19 11.14 -3.44
N ALA B 182 13.26 10.56 -2.67
CA ALA B 182 11.92 11.13 -2.55
C ALA B 182 11.88 12.34 -1.63
N GLY B 183 12.97 12.65 -0.95
CA GLY B 183 13.02 13.81 -0.07
C GLY B 183 12.62 13.56 1.37
N ASN B 184 12.73 12.33 1.84
CA ASN B 184 12.41 11.99 3.22
C ASN B 184 13.66 11.93 4.08
N CYS B 185 13.49 12.22 5.37
CA CYS B 185 14.52 11.95 6.37
C CYS B 185 14.28 10.56 6.95
N VAL B 186 15.36 9.87 7.28
CA VAL B 186 15.31 8.44 7.61
C VAL B 186 15.84 8.21 9.01
N VAL B 187 15.10 7.43 9.79
CA VAL B 187 15.62 6.77 10.99
C VAL B 187 15.81 5.30 10.60
N LEU B 188 17.05 4.85 10.60
CA LEU B 188 17.41 3.53 10.09
C LEU B 188 17.90 2.66 11.23
N LYS B 189 17.31 1.48 11.39
CA LYS B 189 17.70 0.55 12.43
C LYS B 189 18.36 -0.68 11.82
N PRO B 190 19.67 -0.85 11.94
CA PRO B 190 20.33 -2.02 11.36
C PRO B 190 20.19 -3.26 12.26
N ALA B 191 20.37 -4.41 11.62
CA ALA B 191 20.31 -5.68 12.33
C ALA B 191 21.37 -5.73 13.42
N GLU B 192 20.96 -6.11 14.63
CA GLU B 192 21.91 -6.23 15.73
C GLU B 192 23.01 -7.24 15.45
N GLN B 193 22.81 -8.14 14.49
CA GLN B 193 23.87 -9.05 14.09
C GLN B 193 24.94 -8.36 13.24
N THR B 194 24.56 -7.37 12.43
CA THR B 194 25.44 -6.77 11.44
C THR B 194 25.37 -5.25 11.48
N PRO B 195 25.84 -4.63 12.57
CA PRO B 195 25.82 -3.16 12.65
C PRO B 195 27.05 -2.48 12.05
N LEU B 196 28.11 -3.25 11.81
CA LEU B 196 29.41 -2.64 11.50
C LEU B 196 29.40 -1.92 10.16
N GLY B 197 28.90 -2.57 9.11
CA GLY B 197 28.99 -2.00 7.78
C GLY B 197 28.37 -0.62 7.66
N ILE B 198 27.15 -0.46 8.16
CA ILE B 198 26.46 0.83 8.08
C ILE B 198 27.31 1.94 8.71
N CYS B 199 27.90 1.68 9.88
CA CYS B 199 28.76 2.66 10.53
C CYS B 199 29.88 3.11 9.59
N VAL B 200 30.60 2.14 9.03
CA VAL B 200 31.70 2.45 8.11
C VAL B 200 31.19 3.23 6.92
N LEU B 201 30.03 2.85 6.38
CA LEU B 201 29.44 3.62 5.29
C LEU B 201 29.15 5.05 5.69
N LEU B 202 28.59 5.24 6.89
CA LEU B 202 28.24 6.58 7.34
C LEU B 202 29.48 7.45 7.52
N GLU B 203 30.57 6.85 8.01
CA GLU B 203 31.84 7.57 8.10
C GLU B 203 32.30 8.06 6.74
N LEU B 204 31.88 7.38 5.67
CA LEU B 204 32.34 7.70 4.32
C LEU B 204 31.45 8.73 3.62
N ILE B 205 30.16 8.75 3.92
CA ILE B 205 29.19 9.53 3.17
C ILE B 205 28.44 10.55 4.02
N GLY B 206 28.63 10.55 5.34
CA GLY B 206 27.85 11.43 6.21
C GLY B 206 27.85 12.88 5.77
N ASP B 207 29.04 13.43 5.49
CA ASP B 207 29.14 14.84 5.12
C ASP B 207 28.30 15.19 3.90
N LEU B 208 27.98 14.21 3.06
CA LEU B 208 27.18 14.47 1.86
C LEU B 208 25.71 14.77 2.17
N LEU B 209 25.27 14.50 3.40
CA LEU B 209 23.86 14.71 3.70
C LEU B 209 23.69 15.83 4.72
N PRO B 210 22.61 16.61 4.62
CA PRO B 210 22.34 17.61 5.64
C PRO B 210 22.17 16.98 7.00
N PRO B 211 22.54 17.69 8.06
CA PRO B 211 22.39 17.14 9.42
C PRO B 211 20.95 16.72 9.69
N GLY B 212 20.81 15.55 10.32
CA GLY B 212 19.51 15.04 10.69
C GLY B 212 18.73 14.37 9.58
N VAL B 213 19.26 14.32 8.36
CA VAL B 213 18.53 13.67 7.27
C VAL B 213 18.65 12.16 7.37
N LEU B 214 19.86 11.66 7.65
CA LEU B 214 20.09 10.23 7.82
C LEU B 214 20.59 10.01 9.25
N ASN B 215 19.76 9.36 10.06
CA ASN B 215 20.12 9.01 11.43
C ASN B 215 20.00 7.50 11.58
N VAL B 216 21.04 6.88 12.14
CA VAL B 216 21.12 5.43 12.29
C VAL B 216 21.28 5.10 13.76
N VAL B 217 20.31 4.37 14.31
CA VAL B 217 20.32 3.96 15.71
C VAL B 217 20.53 2.46 15.77
N GLN B 218 21.62 2.03 16.42
CA GLN B 218 21.91 0.63 16.60
C GLN B 218 21.18 0.08 17.83
N GLY B 219 20.78 -1.17 17.75
CA GLY B 219 20.13 -1.80 18.89
C GLY B 219 19.38 -3.05 18.47
N PHE B 220 18.51 -3.51 19.37
CA PHE B 220 17.79 -4.77 19.21
C PHE B 220 16.35 -4.54 18.74
N GLY B 221 15.85 -5.53 18.00
CA GLY B 221 14.54 -5.40 17.36
C GLY B 221 13.39 -5.23 18.33
N ARG B 222 13.47 -5.88 19.50
N ARG B 222 13.47 -5.88 19.50
CA ARG B 222 12.44 -5.75 20.52
CA ARG B 222 12.45 -5.75 20.52
C ARG B 222 12.70 -4.60 21.47
C ARG B 222 12.67 -4.56 21.43
N GLU B 223 13.78 -3.84 21.26
CA GLU B 223 14.03 -2.61 21.99
C GLU B 223 13.97 -1.44 21.01
N ALA B 224 15.05 -1.22 20.28
CA ALA B 224 15.07 -0.14 19.29
C ALA B 224 14.04 -0.38 18.19
N GLY B 225 13.96 -1.61 17.68
CA GLY B 225 13.01 -1.89 16.62
C GLY B 225 11.56 -1.70 17.04
N GLU B 226 11.23 -2.09 18.28
CA GLU B 226 9.88 -1.87 18.79
C GLU B 226 9.59 -0.39 18.93
N ALA B 227 10.47 0.35 19.60
CA ALA B 227 10.31 1.79 19.74
C ALA B 227 10.12 2.47 18.39
N LEU B 228 10.79 1.95 17.36
CA LEU B 228 10.69 2.53 16.02
C LEU B 228 9.38 2.15 15.34
N ALA B 229 8.98 0.88 15.43
CA ALA B 229 7.80 0.41 14.71
C ALA B 229 6.51 1.03 15.25
N THR B 230 6.48 1.42 16.51
CA THR B 230 5.28 2.02 17.10
C THR B 230 5.37 3.53 17.23
N SER B 231 6.45 4.13 16.75
CA SER B 231 6.61 5.57 16.82
C SER B 231 5.45 6.28 16.13
N LYS B 232 4.84 7.21 16.86
CA LYS B 232 3.79 8.06 16.30
CA LYS B 232 3.79 8.07 16.32
C LYS B 232 4.35 9.25 15.55
N ARG B 233 5.67 9.29 15.33
CA ARG B 233 6.35 10.40 14.70
C ARG B 233 6.96 10.03 13.35
N ILE B 234 6.67 8.84 12.84
CA ILE B 234 7.06 8.43 11.50
C ILE B 234 5.82 8.42 10.63
N ALA B 235 5.99 8.81 9.36
CA ALA B 235 4.88 8.82 8.42
C ALA B 235 4.73 7.49 7.68
N LYS B 236 5.69 6.59 7.82
CA LYS B 236 5.67 5.31 7.13
C LYS B 236 6.67 4.38 7.79
N ILE B 237 6.36 3.09 7.80
CA ILE B 237 7.30 2.07 8.26
C ILE B 237 7.65 1.16 7.10
N ALA B 238 8.90 0.69 7.09
CA ALA B 238 9.39 -0.22 6.06
C ALA B 238 10.24 -1.30 6.71
N PHE B 239 9.97 -2.56 6.39
CA PHE B 239 10.60 -3.67 7.08
C PHE B 239 10.85 -4.82 6.12
N THR B 240 12.05 -5.40 6.20
CA THR B 240 12.37 -6.65 5.54
C THR B 240 12.83 -7.66 6.59
N GLY B 241 12.27 -8.86 6.53
CA GLY B 241 12.65 -9.85 7.54
C GLY B 241 11.66 -11.01 7.59
N SER B 242 11.55 -11.61 8.77
CA SER B 242 10.78 -12.82 8.96
C SER B 242 9.29 -12.52 9.10
N THR B 243 8.48 -13.42 8.53
CA THR B 243 7.03 -13.24 8.50
C THR B 243 6.38 -12.89 9.84
N PRO B 244 6.70 -13.54 10.97
CA PRO B 244 6.03 -13.17 12.23
C PRO B 244 6.27 -11.72 12.65
N VAL B 245 7.49 -11.20 12.47
CA VAL B 245 7.74 -9.81 12.83
C VAL B 245 7.11 -8.87 11.82
N GLY B 246 7.08 -9.26 10.55
CA GLY B 246 6.40 -8.46 9.55
C GLY B 246 4.92 -8.31 9.84
N SER B 247 4.24 -9.43 10.06
CA SER B 247 2.84 -9.40 10.49
C SER B 247 2.65 -8.43 11.64
N HIS B 248 3.57 -8.40 12.59
CA HIS B 248 3.52 -7.43 13.67
C HIS B 248 3.74 -6.01 13.15
N ILE B 249 4.73 -5.80 12.27
CA ILE B 249 4.98 -4.48 11.70
C ILE B 249 3.71 -3.91 11.07
N LEU B 250 2.99 -4.74 10.32
CA LEU B 250 1.76 -4.29 9.68
C LEU B 250 0.69 -3.94 10.71
N LYS B 251 0.70 -4.63 11.85
CA LYS B 251 -0.17 -4.26 12.96
C LYS B 251 0.27 -2.93 13.57
N CYS B 252 1.57 -2.76 13.79
CA CYS B 252 2.07 -1.48 14.27
C CYS B 252 1.68 -0.34 13.35
N ALA B 253 1.73 -0.58 12.04
CA ALA B 253 1.29 0.42 11.07
C ALA B 253 -0.22 0.63 11.11
N ALA B 254 -0.97 -0.46 11.32
CA ALA B 254 -2.43 -0.36 11.36
C ALA B 254 -2.92 0.57 12.46
N GLU B 255 -2.27 0.55 13.62
CA GLU B 255 -2.75 1.34 14.75
C GLU B 255 -2.72 2.84 14.47
N ASN B 256 -1.81 3.29 13.61
CA ASN B 256 -1.60 4.71 13.37
C ASN B 256 -2.00 5.15 11.97
N ILE B 257 -2.54 4.24 11.15
CA ILE B 257 -3.03 4.53 9.80
C ILE B 257 -1.89 5.22 9.05
N ILE B 258 -0.76 4.53 8.95
CA ILE B 258 0.39 5.00 8.20
C ILE B 258 0.73 3.95 7.14
N PRO B 259 1.25 4.35 5.98
CA PRO B 259 1.67 3.36 4.98
C PRO B 259 2.73 2.43 5.52
N SER B 260 2.77 1.22 4.96
CA SER B 260 3.73 0.21 5.34
C SER B 260 4.10 -0.60 4.12
N THR B 261 5.39 -0.92 4.00
CA THR B 261 5.87 -1.89 3.02
C THR B 261 6.70 -2.92 3.75
N VAL B 262 6.37 -4.20 3.55
CA VAL B 262 7.03 -5.30 4.24
C VAL B 262 7.42 -6.34 3.20
N GLU B 263 8.70 -6.71 3.19
CA GLU B 263 9.18 -7.79 2.35
C GLU B 263 9.65 -8.92 3.25
N LEU B 264 9.06 -10.10 3.07
CA LEU B 264 9.22 -11.16 4.05
C LEU B 264 9.95 -12.36 3.46
N GLY B 265 9.60 -13.56 3.93
CA GLY B 265 10.32 -14.76 3.54
C GLY B 265 9.69 -15.45 2.34
N GLY B 266 10.41 -16.44 1.83
CA GLY B 266 9.92 -17.22 0.70
C GLY B 266 10.45 -18.63 0.73
N LYS B 267 9.83 -19.47 -0.09
CA LYS B 267 10.25 -20.85 -0.34
C LYS B 267 10.21 -21.01 -1.86
N SER B 268 11.31 -20.66 -2.52
CA SER B 268 11.28 -20.44 -3.96
C SER B 268 11.41 -21.76 -4.71
N PRO B 269 10.44 -22.12 -5.57
CA PRO B 269 10.56 -23.35 -6.36
C PRO B 269 11.38 -23.10 -7.62
N ASN B 270 12.36 -23.96 -7.86
CA ASN B 270 13.24 -23.87 -9.02
C ASN B 270 12.87 -24.99 -9.98
N ILE B 271 12.30 -24.63 -11.13
CA ILE B 271 11.60 -25.56 -12.00
C ILE B 271 12.42 -25.79 -13.27
N TYR B 272 12.67 -27.06 -13.58
CA TYR B 272 13.47 -27.47 -14.74
C TYR B 272 12.63 -28.43 -15.57
N PHE B 273 12.13 -27.98 -16.72
CA PHE B 273 11.35 -28.85 -17.57
C PHE B 273 12.27 -29.73 -18.42
N GLU B 274 11.68 -30.76 -19.02
CA GLU B 274 12.47 -31.83 -19.62
C GLU B 274 13.27 -31.37 -20.85
N ASP B 275 12.81 -30.32 -21.54
CA ASP B 275 13.47 -29.92 -22.78
C ASP B 275 14.87 -29.36 -22.57
N ILE B 276 15.24 -28.96 -21.36
CA ILE B 276 16.57 -28.38 -21.14
C ILE B 276 17.67 -29.39 -21.46
N MET B 277 17.42 -30.68 -21.20
CA MET B 277 18.42 -31.68 -21.52
C MET B 277 18.64 -31.84 -23.01
N GLN B 278 17.75 -31.26 -23.83
CA GLN B 278 17.88 -31.27 -25.28
C GLN B 278 18.45 -29.97 -25.81
N ALA B 279 18.82 -29.04 -24.94
CA ALA B 279 19.46 -27.80 -25.35
C ALA B 279 20.96 -28.05 -25.53
N GLU B 280 21.69 -26.99 -25.86
CA GLU B 280 23.14 -27.10 -25.99
C GLU B 280 23.76 -27.50 -24.64
N PRO B 281 24.89 -28.21 -24.66
CA PRO B 281 25.53 -28.61 -23.40
C PRO B 281 25.86 -27.44 -22.49
N ALA B 282 26.11 -26.25 -23.05
CA ALA B 282 26.41 -25.09 -22.22
C ALA B 282 25.19 -24.63 -21.44
N PHE B 283 24.00 -24.75 -22.04
CA PHE B 283 22.77 -24.41 -21.34
C PHE B 283 22.55 -25.32 -20.15
N ILE B 284 22.70 -26.63 -20.36
CA ILE B 284 22.62 -27.62 -19.29
C ILE B 284 23.43 -27.18 -18.07
N GLU B 285 24.66 -26.70 -18.30
CA GLU B 285 25.49 -26.25 -17.19
C GLU B 285 24.87 -25.07 -16.47
N LYS B 286 24.38 -24.08 -17.22
CA LYS B 286 23.76 -22.92 -16.61
C LYS B 286 22.58 -23.31 -15.73
N ALA B 287 21.80 -24.31 -16.16
CA ALA B 287 20.67 -24.76 -15.36
C ALA B 287 21.14 -25.46 -14.09
N ALA B 288 22.07 -26.41 -14.23
CA ALA B 288 22.66 -27.06 -13.05
C ALA B 288 23.31 -26.04 -12.14
N GLU B 289 24.00 -25.04 -12.72
CA GLU B 289 24.49 -23.93 -11.93
C GLU B 289 23.36 -23.22 -11.21
N GLY B 290 22.26 -22.95 -11.93
CA GLY B 290 21.14 -22.25 -11.34
C GLY B 290 20.55 -22.95 -10.14
N LEU B 291 20.75 -24.26 -10.03
CA LEU B 291 20.33 -24.99 -8.83
C LEU B 291 21.36 -24.82 -7.71
N VAL B 292 22.65 -24.97 -8.03
CA VAL B 292 23.69 -24.80 -7.03
C VAL B 292 23.72 -23.35 -6.53
N LEU B 293 23.21 -22.41 -7.32
CA LEU B 293 23.10 -21.02 -6.89
C LEU B 293 22.28 -20.87 -5.62
N ALA B 294 21.53 -21.90 -5.21
CA ALA B 294 20.83 -21.85 -3.93
C ALA B 294 21.79 -21.63 -2.76
N PHE B 295 23.07 -21.97 -2.93
CA PHE B 295 24.08 -21.75 -1.92
C PHE B 295 24.69 -20.35 -2.00
N PHE B 296 24.22 -19.51 -2.92
CA PHE B 296 24.63 -18.12 -2.97
C PHE B 296 24.27 -17.43 -1.66
N ASN B 297 25.21 -16.64 -1.13
CA ASN B 297 25.07 -16.03 0.19
C ASN B 297 24.79 -17.09 1.25
N GLN B 298 25.33 -18.30 1.04
CA GLN B 298 25.20 -19.41 1.98
C GLN B 298 23.74 -19.82 2.16
N GLY B 299 22.91 -19.60 1.14
CA GLY B 299 21.49 -19.87 1.25
C GLY B 299 20.74 -18.89 2.11
N GLU B 300 21.38 -17.81 2.56
CA GLU B 300 20.72 -16.81 3.40
C GLU B 300 20.17 -15.70 2.50
N VAL B 301 19.19 -16.11 1.68
CA VAL B 301 18.53 -15.23 0.72
C VAL B 301 17.03 -15.49 0.83
N CYS B 302 16.24 -14.41 0.91
CA CYS B 302 14.80 -14.57 1.01
C CYS B 302 14.19 -15.22 -0.22
N THR B 303 14.86 -15.12 -1.37
CA THR B 303 14.45 -15.83 -2.58
C THR B 303 15.33 -17.03 -2.88
N CYS B 304 16.00 -17.57 -1.87
CA CYS B 304 16.80 -18.77 -2.03
C CYS B 304 15.99 -19.85 -2.74
N PRO B 305 16.49 -20.40 -3.85
CA PRO B 305 15.76 -21.51 -4.52
C PRO B 305 15.92 -22.81 -3.75
N SER B 306 15.28 -22.87 -2.58
CA SER B 306 15.41 -23.99 -1.67
C SER B 306 14.50 -25.16 -2.01
N ARG B 307 13.71 -25.06 -3.06
CA ARG B 307 12.87 -26.17 -3.55
C ARG B 307 13.22 -26.42 -5.01
N ALA B 308 13.94 -27.51 -5.27
CA ALA B 308 14.27 -27.88 -6.63
C ALA B 308 13.19 -28.82 -7.17
N LEU B 309 12.57 -28.42 -8.29
CA LEU B 309 11.53 -29.19 -8.95
C LEU B 309 12.05 -29.58 -10.33
N VAL B 310 12.31 -30.88 -10.52
CA VAL B 310 12.89 -31.39 -11.76
C VAL B 310 11.93 -32.42 -12.32
N GLN B 311 11.68 -32.35 -13.63
CA GLN B 311 10.79 -33.29 -14.28
C GLN B 311 11.36 -34.70 -14.20
N GLU B 312 10.48 -35.69 -13.96
CA GLU B 312 10.93 -37.06 -13.75
C GLU B 312 11.88 -37.53 -14.85
N SER B 313 11.51 -37.27 -16.10
CA SER B 313 12.23 -37.85 -17.23
C SER B 313 13.68 -37.44 -17.23
N ILE B 314 13.98 -36.24 -16.73
CA ILE B 314 15.36 -35.73 -16.75
C ILE B 314 16.03 -35.78 -15.38
N TYR B 315 15.29 -36.07 -14.30
CA TYR B 315 15.88 -36.09 -12.97
C TYR B 315 17.16 -36.92 -12.89
N PRO B 316 17.19 -38.18 -13.36
CA PRO B 316 18.44 -38.96 -13.22
C PRO B 316 19.61 -38.35 -13.94
N ALA B 317 19.41 -37.86 -15.17
CA ALA B 317 20.51 -37.30 -15.94
C ALA B 317 20.86 -35.89 -15.48
N PHE B 318 19.87 -35.11 -15.04
CA PHE B 318 20.14 -33.72 -14.66
C PHE B 318 20.92 -33.63 -13.37
N MET B 319 20.49 -34.35 -12.33
CA MET B 319 21.16 -34.28 -11.04
C MET B 319 22.63 -34.67 -11.16
N GLU B 320 22.96 -35.51 -12.14
CA GLU B 320 24.35 -35.88 -12.37
C GLU B 320 25.18 -34.68 -12.80
N GLU B 321 24.55 -33.74 -13.52
CA GLU B 321 25.21 -32.47 -13.81
C GLU B 321 25.23 -31.56 -12.60
N VAL B 322 24.15 -31.55 -11.82
CA VAL B 322 24.10 -30.72 -10.61
C VAL B 322 25.14 -31.18 -9.60
N LEU B 323 25.23 -32.48 -9.37
CA LEU B 323 26.15 -32.99 -8.36
C LEU B 323 27.61 -32.76 -8.71
N LYS B 324 27.96 -32.74 -10.00
CA LYS B 324 29.33 -32.42 -10.38
C LYS B 324 29.73 -31.04 -9.88
N LYS B 325 28.81 -30.07 -9.96
CA LYS B 325 29.11 -28.72 -9.54
C LYS B 325 29.01 -28.54 -8.03
N VAL B 326 28.09 -29.26 -7.38
CA VAL B 326 28.00 -29.20 -5.93
C VAL B 326 29.32 -29.63 -5.30
N ARG B 327 29.91 -30.71 -5.83
N ARG B 327 29.92 -30.70 -5.82
CA ARG B 327 31.19 -31.21 -5.33
CA ARG B 327 31.19 -31.18 -5.30
C ARG B 327 32.36 -30.29 -5.68
C ARG B 327 32.38 -30.32 -5.72
N ALA B 328 32.16 -29.31 -6.56
CA ALA B 328 33.22 -28.40 -6.98
C ALA B 328 33.27 -27.13 -6.14
N ILE B 329 32.40 -27.00 -5.14
CA ILE B 329 32.36 -25.80 -4.31
C ILE B 329 33.60 -25.78 -3.42
N LYS B 330 34.47 -24.80 -3.63
CA LYS B 330 35.62 -24.59 -2.76
C LYS B 330 35.20 -23.90 -1.47
N ARG B 331 35.55 -24.50 -0.34
N ARG B 331 35.50 -24.52 -0.34
CA ARG B 331 35.21 -23.98 0.98
CA ARG B 331 35.22 -23.95 0.97
C ARG B 331 36.49 -23.60 1.71
C ARG B 331 36.52 -23.50 1.62
N GLY B 332 36.41 -22.55 2.53
CA GLY B 332 37.57 -22.07 3.24
C GLY B 332 37.41 -20.64 3.73
N ASP B 333 38.52 -19.90 3.67
CA ASP B 333 38.59 -18.54 4.19
C ASP B 333 37.64 -17.61 3.43
N PRO B 334 36.68 -16.98 4.11
CA PRO B 334 35.80 -16.03 3.40
C PRO B 334 36.52 -14.85 2.79
N LEU B 335 37.60 -14.34 3.40
CA LEU B 335 38.37 -13.29 2.76
C LEU B 335 39.20 -13.78 1.59
N ASP B 336 39.09 -15.07 1.26
CA ASP B 336 39.72 -15.63 0.06
C ASP B 336 38.71 -15.57 -1.08
N THR B 337 39.04 -14.82 -2.13
CA THR B 337 38.15 -14.72 -3.29
C THR B 337 37.78 -16.08 -3.86
N GLU B 338 38.66 -17.08 -3.74
CA GLU B 338 38.34 -18.41 -4.28
C GLU B 338 37.25 -19.11 -3.50
N THR B 339 37.08 -18.78 -2.22
CA THR B 339 36.05 -19.44 -1.44
C THR B 339 34.68 -19.06 -1.97
N MET B 340 33.87 -20.07 -2.30
CA MET B 340 32.60 -19.85 -2.95
C MET B 340 31.42 -19.80 -1.98
N VAL B 341 31.57 -20.39 -0.80
CA VAL B 341 30.51 -20.40 0.21
C VAL B 341 31.14 -20.05 1.56
N GLY B 342 30.70 -18.95 2.14
CA GLY B 342 31.27 -18.43 3.36
C GLY B 342 30.53 -18.92 4.59
N ALA B 343 30.68 -18.17 5.68
CA ALA B 343 30.09 -18.56 6.95
C ALA B 343 28.62 -18.14 7.03
N GLN B 344 27.85 -18.91 7.80
CA GLN B 344 26.53 -18.44 8.20
C GLN B 344 26.66 -17.17 9.03
N ALA B 345 25.60 -16.39 9.06
CA ALA B 345 25.70 -15.02 9.58
C ALA B 345 25.88 -15.00 11.09
N SER B 346 25.23 -15.90 11.83
CA SER B 346 25.28 -15.85 13.27
C SER B 346 25.35 -17.27 13.84
N GLN B 347 25.55 -17.33 15.16
CA GLN B 347 25.47 -18.59 15.86
C GLN B 347 24.02 -19.08 15.93
N GLN B 348 23.07 -18.17 16.06
CA GLN B 348 21.66 -18.56 16.09
C GLN B 348 21.21 -19.13 14.76
N GLN B 349 21.61 -18.51 13.65
CA GLN B 349 21.24 -19.05 12.34
C GLN B 349 21.93 -20.38 12.10
N TYR B 350 23.19 -20.48 12.51
CA TYR B 350 23.96 -21.72 12.39
C TYR B 350 23.28 -22.86 13.15
N GLU B 351 22.78 -22.59 14.35
CA GLU B 351 22.14 -23.64 15.14
C GLU B 351 20.76 -23.98 14.58
N LYS B 352 20.03 -22.96 14.12
CA LYS B 352 18.71 -23.18 13.57
C LYS B 352 18.75 -24.11 12.35
N ILE B 353 19.77 -23.93 11.49
CA ILE B 353 19.86 -24.78 10.31
C ILE B 353 20.25 -26.20 10.70
N LEU B 354 21.16 -26.35 11.68
CA LEU B 354 21.56 -27.68 12.12
C LEU B 354 20.39 -28.47 12.68
N SER B 355 19.48 -27.78 13.37
CA SER B 355 18.25 -28.44 13.82
C SER B 355 17.38 -28.83 12.64
N TYR B 356 17.46 -28.09 11.54
CA TYR B 356 16.68 -28.41 10.35
C TYR B 356 17.25 -29.60 9.58
N LEU B 357 18.58 -29.79 9.60
CA LEU B 357 19.13 -31.02 9.01
C LEU B 357 18.62 -32.25 9.74
N ASP B 358 18.67 -32.23 11.07
CA ASP B 358 18.13 -33.34 11.86
C ASP B 358 16.65 -33.57 11.57
N ILE B 359 15.87 -32.50 11.42
CA ILE B 359 14.44 -32.66 11.14
C ILE B 359 14.24 -33.31 9.78
N ALA B 360 15.07 -32.95 8.80
CA ALA B 360 14.98 -33.56 7.47
C ALA B 360 15.15 -35.07 7.56
N GLN B 361 16.09 -35.53 8.39
CA GLN B 361 16.40 -36.94 8.46
C GLN B 361 15.23 -37.74 9.04
N GLN B 362 14.50 -37.17 10.00
CA GLN B 362 13.42 -37.97 10.57
C GLN B 362 12.24 -38.13 9.63
N GLU B 363 12.15 -37.32 8.58
CA GLU B 363 11.04 -37.40 7.66
C GLU B 363 11.38 -38.21 6.43
N GLY B 364 12.50 -38.92 6.43
CA GLY B 364 12.89 -39.73 5.29
C GLY B 364 13.56 -38.99 4.17
N ALA B 365 14.01 -37.76 4.39
CA ALA B 365 14.73 -37.02 3.36
C ALA B 365 16.08 -37.68 3.09
N GLU B 366 16.29 -38.09 1.84
CA GLU B 366 17.52 -38.77 1.47
C GLU B 366 18.62 -37.72 1.25
N LEU B 367 19.75 -37.92 1.92
CA LEU B 367 20.84 -36.97 1.84
C LEU B 367 21.62 -37.20 0.55
N LEU B 368 21.65 -36.18 -0.32
CA LEU B 368 22.36 -36.28 -1.58
C LEU B 368 23.71 -35.58 -1.56
N ALA B 369 23.92 -34.63 -0.65
CA ALA B 369 25.19 -33.94 -0.49
C ALA B 369 25.16 -33.18 0.82
N GLY B 370 26.33 -33.05 1.45
CA GLY B 370 26.43 -32.26 2.66
C GLY B 370 25.63 -32.84 3.81
N GLY B 371 24.94 -31.96 4.53
CA GLY B 371 24.02 -32.36 5.59
C GLY B 371 24.52 -32.18 6.99
N SER B 372 25.72 -31.65 7.19
CA SER B 372 26.27 -31.49 8.54
C SER B 372 27.17 -30.26 8.55
N VAL B 373 28.03 -30.17 9.56
CA VAL B 373 28.99 -29.09 9.70
C VAL B 373 30.15 -29.29 8.74
N GLU B 374 30.82 -28.20 8.38
CA GLU B 374 32.09 -28.21 7.66
C GLU B 374 33.16 -27.67 8.60
N LYS B 375 34.01 -28.56 9.12
CA LYS B 375 35.01 -28.22 10.12
C LYS B 375 36.25 -27.67 9.41
N LEU B 376 36.31 -26.35 9.26
CA LEU B 376 37.44 -25.69 8.63
C LEU B 376 38.55 -25.44 9.64
N GLU B 377 39.80 -25.51 9.18
N GLU B 377 39.78 -25.49 9.16
CA GLU B 377 40.93 -25.44 10.09
CA GLU B 377 40.98 -25.43 10.00
C GLU B 377 41.42 -24.00 10.25
C GLU B 377 41.41 -23.99 10.25
N GLY B 378 42.28 -23.82 11.24
CA GLY B 378 42.77 -22.49 11.57
C GLY B 378 41.80 -21.74 12.48
N ASN B 379 41.85 -20.41 12.37
CA ASN B 379 40.91 -19.58 13.12
C ASN B 379 39.47 -19.81 12.66
N LEU B 380 39.29 -20.38 11.46
CA LEU B 380 37.98 -20.70 10.94
C LEU B 380 37.23 -21.71 11.81
N ALA B 381 37.94 -22.48 12.63
CA ALA B 381 37.29 -23.54 13.40
C ALA B 381 36.18 -23.02 14.31
N SER B 382 36.32 -21.81 14.83
CA SER B 382 35.29 -21.21 15.67
C SER B 382 34.20 -20.50 14.88
N GLY B 383 34.29 -20.50 13.55
CA GLY B 383 33.27 -19.89 12.73
C GLY B 383 32.05 -20.77 12.54
N TYR B 384 31.14 -20.29 11.70
CA TYR B 384 29.85 -20.93 11.51
C TYR B 384 29.72 -21.32 10.04
N TYR B 385 30.21 -22.52 9.72
CA TYR B 385 30.22 -23.03 8.35
C TYR B 385 29.47 -24.36 8.31
N ILE B 386 28.57 -24.49 7.34
CA ILE B 386 27.78 -25.70 7.15
C ILE B 386 27.96 -26.18 5.72
N GLN B 387 27.82 -27.49 5.52
CA GLN B 387 28.04 -28.07 4.20
C GLN B 387 26.86 -27.76 3.30
N PRO B 388 27.10 -27.48 2.01
CA PRO B 388 25.99 -27.38 1.05
C PRO B 388 25.19 -28.66 1.03
N THR B 389 23.90 -28.55 1.30
CA THR B 389 23.04 -29.70 1.51
C THR B 389 22.04 -29.83 0.38
N LEU B 390 22.01 -31.00 -0.26
CA LEU B 390 20.99 -31.35 -1.23
C LEU B 390 20.20 -32.52 -0.69
N LEU B 391 18.89 -32.33 -0.51
CA LEU B 391 18.01 -33.32 0.07
C LEU B 391 16.93 -33.68 -0.93
N LYS B 392 16.58 -34.96 -1.00
CA LYS B 392 15.52 -35.45 -1.86
C LYS B 392 14.34 -35.90 -1.01
N GLY B 393 13.16 -35.40 -1.33
CA GLY B 393 11.96 -35.73 -0.58
C GLY B 393 10.73 -35.40 -1.39
N HIS B 394 9.67 -34.99 -0.70
CA HIS B 394 8.43 -34.57 -1.33
C HIS B 394 7.95 -33.28 -0.69
N ASN B 395 7.15 -32.53 -1.44
CA ASN B 395 6.77 -31.17 -1.04
C ASN B 395 6.04 -31.15 0.30
N GLY B 396 5.38 -32.24 0.67
CA GLY B 396 4.65 -32.29 1.92
C GLY B 396 5.49 -32.38 3.18
N MET B 397 6.81 -32.46 3.07
CA MET B 397 7.67 -32.52 4.24
C MET B 397 7.80 -31.15 4.89
N ARG B 398 8.26 -31.15 6.15
CA ARG B 398 8.49 -29.88 6.83
C ARG B 398 9.61 -29.10 6.19
N VAL B 399 10.64 -29.80 5.69
CA VAL B 399 11.78 -29.13 5.08
C VAL B 399 11.43 -28.54 3.72
N PHE B 400 10.41 -29.08 3.05
CA PHE B 400 9.92 -28.49 1.80
C PHE B 400 8.92 -27.36 2.04
N GLN B 401 8.42 -27.19 3.26
CA GLN B 401 7.39 -26.21 3.56
C GLN B 401 7.91 -24.96 4.27
N GLU B 402 8.85 -25.13 5.19
CA GLU B 402 9.31 -24.01 6.03
C GLU B 402 10.62 -23.45 5.47
N GLU B 403 10.76 -22.12 5.55
CA GLU B 403 11.99 -21.49 5.09
C GLU B 403 13.11 -21.83 6.07
N ILE B 404 14.16 -22.49 5.56
CA ILE B 404 15.30 -22.80 6.41
C ILE B 404 16.25 -21.61 6.50
N PHE B 405 16.42 -20.88 5.39
CA PHE B 405 17.31 -19.72 5.33
C PHE B 405 18.77 -20.17 5.53
N GLY B 406 19.15 -21.20 4.79
CA GLY B 406 20.49 -21.75 4.83
C GLY B 406 20.82 -22.51 3.56
N PRO B 407 22.03 -23.08 3.48
CA PRO B 407 22.46 -23.76 2.25
C PRO B 407 21.88 -25.17 2.12
N VAL B 408 20.55 -25.24 2.06
CA VAL B 408 19.83 -26.51 2.06
C VAL B 408 18.75 -26.43 0.99
N VAL B 409 18.77 -27.36 0.04
CA VAL B 409 17.82 -27.41 -1.06
C VAL B 409 17.08 -28.73 -1.01
N GLY B 410 15.75 -28.67 -1.02
CA GLY B 410 14.94 -29.86 -1.24
C GLY B 410 14.76 -30.15 -2.71
N VAL B 411 14.90 -31.41 -3.08
CA VAL B 411 14.71 -31.87 -4.46
C VAL B 411 13.55 -32.85 -4.50
N THR B 412 12.65 -32.65 -5.44
CA THR B 412 11.56 -33.57 -5.71
C THR B 412 11.31 -33.55 -7.21
N THR B 413 10.59 -34.56 -7.69
CA THR B 413 10.28 -34.66 -9.11
C THR B 413 8.81 -34.39 -9.36
N PHE B 414 8.50 -34.01 -10.60
CA PHE B 414 7.13 -33.81 -11.04
C PHE B 414 6.96 -34.48 -12.41
N LYS B 415 5.71 -34.76 -12.76
CA LYS B 415 5.40 -35.49 -13.98
C LYS B 415 5.12 -34.58 -15.17
N ASP B 416 4.24 -33.60 -15.02
CA ASP B 416 3.79 -32.79 -16.14
C ASP B 416 3.70 -31.33 -15.72
N GLU B 417 3.37 -30.47 -16.68
CA GLU B 417 3.29 -29.04 -16.42
C GLU B 417 2.29 -28.73 -15.30
N ALA B 418 1.09 -29.32 -15.39
CA ALA B 418 0.05 -29.04 -14.40
C ALA B 418 0.50 -29.37 -12.98
N GLU B 419 1.17 -30.51 -12.79
CA GLU B 419 1.67 -30.84 -11.45
C GLU B 419 2.82 -29.94 -11.06
N ALA B 420 3.68 -29.58 -12.03
CA ALA B 420 4.75 -28.62 -11.74
C ALA B 420 4.17 -27.33 -11.19
N LEU B 421 3.09 -26.85 -11.81
CA LEU B 421 2.40 -25.68 -11.30
C LEU B 421 1.80 -25.94 -9.92
N ALA B 422 1.24 -27.14 -9.73
CA ALA B 422 0.62 -27.46 -8.44
C ALA B 422 1.64 -27.50 -7.31
N ILE B 423 2.82 -28.08 -7.55
CA ILE B 423 3.84 -28.14 -6.52
C ILE B 423 4.45 -26.76 -6.28
N ALA B 424 4.59 -25.95 -7.35
CA ALA B 424 5.22 -24.65 -7.21
C ALA B 424 4.39 -23.73 -6.32
N ASN B 425 3.07 -23.76 -6.47
CA ASN B 425 2.20 -22.86 -5.73
C ASN B 425 1.68 -23.43 -4.42
N ASP B 426 1.96 -24.70 -4.13
CA ASP B 426 1.54 -25.31 -2.86
C ASP B 426 2.51 -24.88 -1.75
N THR B 427 2.57 -23.57 -1.55
CA THR B 427 3.33 -22.93 -0.50
C THR B 427 2.58 -21.69 -0.07
N GLU B 428 2.81 -21.26 1.17
CA GLU B 428 2.20 -20.01 1.61
C GLU B 428 2.96 -18.78 1.14
N TYR B 429 4.14 -18.97 0.55
CA TYR B 429 4.96 -17.87 0.08
C TYR B 429 4.74 -17.64 -1.41
N GLY B 430 5.37 -16.58 -1.93
CA GLY B 430 5.23 -16.20 -3.31
C GLY B 430 6.16 -15.06 -3.67
N LEU B 431 7.42 -15.15 -3.22
CA LEU B 431 8.40 -14.11 -3.47
C LEU B 431 9.17 -14.34 -4.76
N GLY B 432 9.75 -15.53 -4.92
CA GLY B 432 10.56 -15.83 -6.09
C GLY B 432 10.33 -17.24 -6.59
N ALA B 433 10.79 -17.47 -7.81
CA ALA B 433 10.74 -18.79 -8.43
C ALA B 433 11.69 -18.81 -9.60
N GLY B 434 12.14 -20.02 -9.95
CA GLY B 434 12.98 -20.22 -11.12
C GLY B 434 12.26 -21.12 -12.11
N LEU B 435 12.57 -20.91 -13.39
CA LEU B 435 11.88 -21.61 -14.46
C LEU B 435 12.87 -21.82 -15.59
N TRP B 436 13.14 -23.10 -15.92
CA TRP B 436 14.13 -23.45 -16.94
C TRP B 436 13.46 -24.30 -18.00
N THR B 437 13.21 -23.71 -19.15
CA THR B 437 12.66 -24.40 -20.32
C THR B 437 12.87 -23.50 -21.54
N ARG B 438 12.93 -24.13 -22.71
CA ARG B 438 13.14 -23.40 -23.95
C ARG B 438 11.89 -23.25 -24.80
N ASP B 439 10.81 -23.96 -24.47
CA ASP B 439 9.54 -23.75 -25.18
C ASP B 439 9.00 -22.37 -24.84
N ILE B 440 8.92 -21.51 -25.85
CA ILE B 440 8.50 -20.13 -25.64
C ILE B 440 7.12 -20.07 -25.00
N ASN B 441 6.22 -20.99 -25.38
CA ASN B 441 4.88 -20.97 -24.80
C ASN B 441 4.87 -21.49 -23.38
N ARG B 442 5.63 -22.56 -23.10
CA ARG B 442 5.74 -23.04 -21.73
C ARG B 442 6.33 -21.98 -20.81
N ALA B 443 7.39 -21.31 -21.27
CA ALA B 443 8.00 -20.25 -20.48
C ALA B 443 6.98 -19.18 -20.08
N TYR B 444 6.11 -18.79 -21.01
CA TYR B 444 5.15 -17.74 -20.71
C TYR B 444 4.05 -18.22 -19.78
N ARG B 445 3.46 -19.39 -20.07
CA ARG B 445 2.38 -19.93 -19.24
C ARG B 445 2.82 -20.06 -17.78
N MET B 446 3.80 -20.91 -17.54
CA MET B 446 4.34 -21.07 -16.19
C MET B 446 4.73 -19.73 -15.59
N GLY B 447 5.30 -18.85 -16.41
CA GLY B 447 5.66 -17.53 -15.92
C GLY B 447 4.49 -16.80 -15.30
N ARG B 448 3.33 -16.83 -15.96
CA ARG B 448 2.12 -16.21 -15.40
C ARG B 448 1.32 -17.14 -14.51
N GLY B 449 1.49 -18.46 -14.62
CA GLY B 449 0.73 -19.36 -13.78
C GLY B 449 1.23 -19.39 -12.34
N ILE B 450 2.54 -19.28 -12.16
CA ILE B 450 3.13 -19.28 -10.84
C ILE B 450 2.71 -18.03 -10.08
N LYS B 451 2.44 -18.19 -8.79
CA LYS B 451 2.03 -17.08 -7.95
C LYS B 451 3.22 -16.60 -7.11
N ALA B 452 4.19 -16.01 -7.82
CA ALA B 452 5.37 -15.43 -7.20
C ALA B 452 5.59 -14.03 -7.78
N GLY B 453 6.22 -13.17 -6.97
CA GLY B 453 6.47 -11.81 -7.40
C GLY B 453 7.48 -11.72 -8.53
N ARG B 454 8.52 -12.54 -8.49
CA ARG B 454 9.52 -12.60 -9.55
C ARG B 454 9.66 -14.03 -10.04
N VAL B 455 9.69 -14.20 -11.36
CA VAL B 455 10.04 -15.48 -11.98
C VAL B 455 11.28 -15.24 -12.82
N TRP B 456 12.43 -15.68 -12.32
CA TRP B 456 13.64 -15.72 -13.14
C TRP B 456 13.46 -16.79 -14.21
N THR B 457 13.70 -16.42 -15.47
CA THR B 457 13.56 -17.33 -16.59
C THR B 457 14.93 -17.63 -17.17
N ASN B 458 15.30 -18.91 -17.18
CA ASN B 458 16.60 -19.37 -17.69
C ASN B 458 17.76 -18.63 -17.01
N CYS B 459 17.60 -18.33 -15.73
CA CYS B 459 18.64 -17.72 -14.92
C CYS B 459 18.23 -17.83 -13.45
N TYR B 460 19.04 -17.23 -12.58
CA TYR B 460 18.65 -17.10 -11.18
C TYR B 460 19.55 -16.10 -10.47
N HIS B 461 18.98 -15.47 -9.43
CA HIS B 461 19.69 -14.57 -8.52
C HIS B 461 20.23 -13.34 -9.24
N LEU B 462 19.50 -12.85 -10.23
CA LEU B 462 19.76 -11.54 -10.80
C LEU B 462 18.89 -10.54 -10.05
N TYR B 463 19.53 -9.55 -9.43
CA TYR B 463 18.77 -8.54 -8.70
C TYR B 463 19.06 -7.14 -9.23
N PRO B 464 18.89 -6.90 -10.53
CA PRO B 464 19.20 -5.58 -11.06
C PRO B 464 18.18 -4.56 -10.57
N ALA B 465 18.63 -3.32 -10.47
CA ALA B 465 17.68 -2.23 -10.39
C ALA B 465 16.80 -2.24 -11.64
N HIS B 466 15.65 -1.58 -11.55
CA HIS B 466 14.72 -1.42 -12.67
C HIS B 466 13.90 -2.68 -12.90
N ALA B 467 13.80 -3.54 -11.88
CA ALA B 467 12.93 -4.72 -11.90
C ALA B 467 12.27 -4.85 -10.55
N ALA B 468 10.94 -4.81 -10.54
CA ALA B 468 10.19 -4.82 -9.28
C ALA B 468 10.38 -6.16 -8.55
N PHE B 469 10.69 -6.06 -7.27
CA PHE B 469 10.88 -7.24 -6.41
C PHE B 469 9.93 -7.13 -5.23
N GLY B 470 9.01 -8.09 -5.13
CA GLY B 470 8.04 -8.09 -4.05
C GLY B 470 7.25 -9.39 -4.06
N GLY B 471 6.47 -9.58 -3.01
CA GLY B 471 5.84 -10.86 -2.75
C GLY B 471 4.36 -10.94 -3.07
N TYR B 472 3.92 -12.15 -3.44
CA TYR B 472 2.54 -12.55 -3.35
C TYR B 472 2.27 -13.13 -1.96
N LYS B 473 1.00 -13.41 -1.68
CA LYS B 473 0.61 -14.15 -0.47
C LYS B 473 1.32 -13.62 0.77
N LYS B 474 1.84 -14.54 1.60
CA LYS B 474 2.58 -14.15 2.80
C LYS B 474 4.01 -13.72 2.51
N SER B 475 4.39 -13.47 1.26
CA SER B 475 5.74 -13.02 1.00
C SER B 475 5.91 -11.52 1.12
N GLY B 476 4.81 -10.76 1.10
CA GLY B 476 4.88 -9.35 1.42
C GLY B 476 3.97 -8.47 0.60
N VAL B 477 4.05 -7.16 0.84
CA VAL B 477 3.25 -6.16 0.14
C VAL B 477 4.17 -5.04 -0.29
N GLY B 478 4.08 -4.64 -1.55
CA GLY B 478 4.93 -3.60 -2.10
C GLY B 478 6.07 -4.17 -2.92
N ARG B 479 6.70 -3.30 -3.70
CA ARG B 479 7.79 -3.68 -4.58
C ARG B 479 9.02 -2.84 -4.28
N GLU B 480 10.19 -3.41 -4.53
CA GLU B 480 11.48 -2.75 -4.33
C GLU B 480 12.29 -2.80 -5.63
N THR B 481 13.49 -2.22 -5.57
CA THR B 481 14.48 -2.25 -6.66
C THR B 481 13.90 -1.79 -7.99
N HIS B 482 12.93 -0.89 -7.95
CA HIS B 482 12.28 -0.39 -9.16
C HIS B 482 11.80 1.02 -8.90
N LYS B 483 11.61 1.77 -9.99
CA LYS B 483 11.19 3.16 -9.84
C LYS B 483 9.80 3.29 -9.23
N MET B 484 8.96 2.24 -9.31
CA MET B 484 7.67 2.29 -8.64
C MET B 484 7.81 2.44 -7.13
N MET B 485 9.00 2.15 -6.59
CA MET B 485 9.27 2.37 -5.17
C MET B 485 8.92 3.79 -4.73
N LEU B 486 9.19 4.77 -5.60
CA LEU B 486 9.05 6.18 -5.22
C LEU B 486 7.65 6.49 -4.69
N ASP B 487 6.62 5.86 -5.26
CA ASP B 487 5.25 6.10 -4.80
C ASP B 487 5.02 5.59 -3.39
N HIS B 488 5.90 4.75 -2.85
CA HIS B 488 5.75 4.31 -1.48
C HIS B 488 6.29 5.33 -0.48
N TYR B 489 7.21 6.19 -0.90
CA TYR B 489 7.84 7.15 0.00
C TYR B 489 7.37 8.58 -0.26
N GLN B 490 6.23 8.73 -0.95
CA GLN B 490 5.64 10.02 -1.25
C GLN B 490 4.12 9.86 -1.23
N GLN B 491 3.43 10.98 -1.07
CA GLN B 491 1.98 11.00 -1.25
C GLN B 491 1.60 11.98 -2.36
N THR B 492 0.50 11.64 -3.04
CA THR B 492 0.00 12.44 -4.15
C THR B 492 -0.92 13.52 -3.61
N LYS B 493 -0.55 14.78 -3.84
CA LYS B 493 -1.43 15.91 -3.54
C LYS B 493 -2.17 16.30 -4.80
N ASN B 494 -3.49 16.16 -4.78
CA ASN B 494 -4.33 16.59 -5.89
C ASN B 494 -4.76 18.03 -5.66
N LEU B 495 -4.33 18.92 -6.55
CA LEU B 495 -4.89 20.26 -6.64
C LEU B 495 -5.94 20.23 -7.74
N LEU B 496 -7.21 20.27 -7.35
CA LEU B 496 -8.33 20.35 -8.29
C LEU B 496 -8.73 21.82 -8.35
N VAL B 497 -8.39 22.48 -9.45
CA VAL B 497 -8.50 23.93 -9.57
C VAL B 497 -9.58 24.26 -10.59
N SER B 498 -10.53 25.09 -10.18
CA SER B 498 -11.53 25.66 -11.07
C SER B 498 -11.11 27.09 -11.40
N TYR B 499 -11.16 27.43 -12.68
CA TYR B 499 -10.83 28.77 -13.14
C TYR B 499 -12.06 29.59 -13.50
N ASP B 500 -13.27 29.07 -13.22
CA ASP B 500 -14.50 29.80 -13.44
C ASP B 500 -14.86 30.59 -12.20
N ILE B 501 -15.24 31.85 -12.40
CA ILE B 501 -15.50 32.77 -11.30
C ILE B 501 -17.00 32.89 -10.94
N ASN B 502 -17.82 31.92 -11.32
CA ASN B 502 -19.23 31.99 -10.96
C ASN B 502 -19.69 30.71 -10.28
N PRO B 503 -20.77 30.76 -9.52
CA PRO B 503 -21.18 29.60 -8.71
C PRO B 503 -21.91 28.55 -9.54
N LEU B 504 -21.95 27.34 -8.98
CA LEU B 504 -22.43 26.15 -9.67
C LEU B 504 -23.94 25.92 -9.52
N GLY B 505 -24.70 26.93 -9.12
CA GLY B 505 -26.14 26.80 -9.07
C GLY B 505 -26.68 26.10 -7.84
N PHE B 506 -25.85 25.33 -7.13
CA PHE B 506 -26.26 24.91 -5.80
C PHE B 506 -26.39 26.11 -4.88
N PHE B 507 -25.70 27.20 -5.23
CA PHE B 507 -25.94 28.57 -4.75
C PHE B 507 -25.12 29.51 -5.61
#